data_9KPY
#
_entry.id   9KPY
#
_cell.length_a   137.966
_cell.length_b   78.659
_cell.length_c   107.027
_cell.angle_alpha   90.000
_cell.angle_beta   93.121
_cell.angle_gamma   90.000
#
_symmetry.space_group_name_H-M   'C 1 2 1'
#
loop_
_entity.id
_entity.type
_entity.pdbx_description
1 polymer 'Phosphopantetheine adenylyltransferase'
2 polymer Heptapeptide
3 non-polymer 'PHOSPHONOACETIC ACID'
4 non-polymer GLYCEROL
5 water water
#
loop_
_entity_poly.entity_id
_entity_poly.type
_entity_poly.pdbx_seq_one_letter_code
_entity_poly.pdbx_strand_id
1 'polypeptide(L)'
;MASMTGGQQMGRGSMSTKAIYPGTFDPITNGHIDIITRAASMFDRVILAIAASPSKKPMFDLEERVALATTALQHLPNVE
VMGFSDLMANFARAQQANILIRGLRAVADFEYEMQLAHMNRHLMPELESVFLMPSKEWSFISSSLVKEVARHAGDVTHFL
PANVHQALMEKLK
;
A,B,C,D,E,F
2 'polypeptide(L)' MASMTGG H
#
# COMPACT_ATOMS: atom_id res chain seq x y z
N MET A 15 -3.35 -18.26 35.41
CA MET A 15 -3.94 -19.58 35.76
C MET A 15 -5.01 -19.94 34.74
N SER A 16 -6.23 -20.24 35.21
CA SER A 16 -7.35 -20.67 34.40
C SER A 16 -7.77 -19.56 33.42
N THR A 17 -8.18 -19.97 32.21
CA THR A 17 -8.93 -19.13 31.30
C THR A 17 -10.31 -19.74 31.08
N LYS A 18 -11.32 -18.87 31.06
CA LYS A 18 -12.69 -19.28 30.79
C LYS A 18 -13.33 -18.23 29.87
N ALA A 19 -13.78 -18.69 28.69
CA ALA A 19 -14.28 -17.80 27.67
C ALA A 19 -15.76 -18.06 27.42
N ILE A 20 -16.49 -16.98 27.09
CA ILE A 20 -17.87 -17.01 26.64
C ILE A 20 -17.87 -16.74 25.15
N TYR A 21 -18.56 -17.60 24.40
CA TYR A 21 -18.91 -17.35 23.01
C TYR A 21 -20.41 -17.07 22.94
N PRO A 22 -20.85 -15.80 22.97
CA PRO A 22 -22.29 -15.49 22.91
C PRO A 22 -22.82 -15.41 21.49
N GLY A 23 -24.13 -15.59 21.35
CA GLY A 23 -24.74 -15.61 20.03
C GLY A 23 -26.22 -15.95 20.14
N THR A 24 -26.92 -15.98 19.00
CA THR A 24 -28.32 -16.37 18.98
C THR A 24 -28.44 -17.82 18.53
N PHE A 25 -27.51 -18.27 17.67
CA PHE A 25 -27.39 -19.68 17.31
C PHE A 25 -28.75 -20.25 16.97
N ASP A 26 -29.34 -19.72 15.88
CA ASP A 26 -30.69 -20.07 15.48
C ASP A 26 -30.70 -20.59 14.04
N PRO A 27 -30.19 -21.81 13.76
CA PRO A 27 -29.47 -22.62 14.73
C PRO A 27 -27.95 -22.60 14.55
N ILE A 28 -27.26 -23.40 15.38
CA ILE A 28 -25.82 -23.53 15.33
C ILE A 28 -25.41 -24.15 13.99
N THR A 29 -24.33 -23.62 13.40
CA THR A 29 -23.82 -24.08 12.12
C THR A 29 -22.40 -24.63 12.31
N ASN A 30 -21.91 -25.24 11.23
CA ASN A 30 -20.55 -25.72 11.13
C ASN A 30 -19.54 -24.61 11.35
N GLY A 31 -19.94 -23.36 11.04
CA GLY A 31 -19.07 -22.20 11.21
C GLY A 31 -18.91 -21.88 12.69
N HIS A 32 -20.03 -21.82 13.40
CA HIS A 32 -20.03 -21.71 14.86
C HIS A 32 -19.25 -22.86 15.49
N ILE A 33 -19.43 -24.08 14.96
CA ILE A 33 -18.76 -25.23 15.53
C ILE A 33 -17.25 -25.11 15.35
N ASP A 34 -16.82 -24.63 14.19
CA ASP A 34 -15.41 -24.44 13.92
C ASP A 34 -14.79 -23.43 14.89
N ILE A 35 -15.43 -22.26 15.05
CA ILE A 35 -14.98 -21.20 15.97
C ILE A 35 -14.83 -21.76 17.39
N ILE A 36 -15.86 -22.47 17.89
CA ILE A 36 -15.80 -22.89 19.28
C ILE A 36 -14.79 -24.01 19.48
N THR A 37 -14.54 -24.83 18.44
CA THR A 37 -13.53 -25.88 18.53
C THR A 37 -12.15 -25.24 18.68
N ARG A 38 -11.90 -24.20 17.87
CA ARG A 38 -10.64 -23.49 17.88
C ARG A 38 -10.41 -22.80 19.23
N ALA A 39 -11.48 -22.19 19.76
CA ALA A 39 -11.42 -21.48 21.02
C ALA A 39 -11.17 -22.43 22.18
N ALA A 40 -11.83 -23.60 22.17
CA ALA A 40 -11.72 -24.58 23.24
C ALA A 40 -10.32 -25.21 23.26
N SER A 41 -9.54 -25.06 22.17
CA SER A 41 -8.19 -25.56 22.13
C SER A 41 -7.23 -24.57 22.77
N MET A 42 -7.69 -23.32 22.96
CA MET A 42 -6.80 -22.28 23.45
C MET A 42 -7.21 -21.78 24.84
N PHE A 43 -8.44 -22.05 25.29
CA PHE A 43 -8.88 -21.62 26.61
C PHE A 43 -9.34 -22.84 27.39
N ASP A 44 -9.09 -22.83 28.70
CA ASP A 44 -9.36 -23.98 29.53
C ASP A 44 -10.81 -24.39 29.41
N ARG A 45 -11.71 -23.42 29.48
CA ARG A 45 -13.14 -23.68 29.41
C ARG A 45 -13.80 -22.66 28.49
N VAL A 46 -14.87 -23.10 27.83
CA VAL A 46 -15.66 -22.25 26.95
C VAL A 46 -17.13 -22.50 27.24
N ILE A 47 -17.90 -21.43 27.42
CA ILE A 47 -19.34 -21.51 27.44
C ILE A 47 -19.89 -21.01 26.11
N LEU A 48 -20.73 -21.82 25.46
CA LEU A 48 -21.59 -21.31 24.41
C LEU A 48 -22.78 -20.65 25.10
N ALA A 49 -22.82 -19.30 25.05
CA ALA A 49 -23.88 -18.51 25.67
C ALA A 49 -24.96 -18.18 24.63
N ILE A 50 -26.15 -18.77 24.81
CA ILE A 50 -27.25 -18.61 23.85
C ILE A 50 -28.27 -17.59 24.39
N ALA A 51 -28.47 -16.50 23.63
CA ALA A 51 -29.35 -15.41 24.01
C ALA A 51 -30.80 -15.90 24.11
N ALA A 52 -31.38 -15.78 25.31
CA ALA A 52 -32.75 -16.21 25.54
C ALA A 52 -33.72 -15.44 24.65
N SER A 53 -33.67 -14.11 24.75
CA SER A 53 -34.66 -13.24 24.14
C SER A 53 -34.00 -12.33 23.10
N PRO A 54 -33.65 -12.81 21.89
CA PRO A 54 -33.15 -11.93 20.84
C PRO A 54 -34.34 -11.07 20.39
N SER A 55 -34.07 -9.81 20.05
CA SER A 55 -35.14 -8.84 19.83
C SER A 55 -36.01 -9.26 18.65
N LYS A 56 -35.39 -9.91 17.64
CA LYS A 56 -36.14 -10.60 16.61
C LYS A 56 -36.36 -12.06 17.01
N LYS A 57 -37.64 -12.47 17.07
CA LYS A 57 -38.03 -13.81 17.47
C LYS A 57 -37.30 -14.85 16.62
N PRO A 58 -36.62 -15.83 17.24
CA PRO A 58 -35.90 -16.87 16.49
C PRO A 58 -36.80 -17.98 15.98
N MET A 59 -36.31 -18.75 15.00
CA MET A 59 -37.02 -19.91 14.48
C MET A 59 -37.08 -21.01 15.54
N PHE A 60 -35.98 -21.20 16.27
CA PHE A 60 -35.94 -22.19 17.33
C PHE A 60 -36.03 -21.46 18.65
N ASP A 61 -36.87 -21.96 19.58
CA ASP A 61 -36.93 -21.36 20.91
C ASP A 61 -35.61 -21.69 21.65
N LEU A 62 -35.44 -21.11 22.84
CA LEU A 62 -34.16 -21.21 23.53
C LEU A 62 -33.85 -22.66 23.84
N GLU A 63 -34.86 -23.41 24.27
CA GLU A 63 -34.69 -24.79 24.71
C GLU A 63 -34.21 -25.63 23.53
N GLU A 64 -34.82 -25.41 22.38
CA GLU A 64 -34.43 -26.08 21.16
C GLU A 64 -33.01 -25.68 20.77
N ARG A 65 -32.68 -24.38 20.91
CA ARG A 65 -31.38 -23.89 20.51
C ARG A 65 -30.30 -24.51 21.40
N VAL A 66 -30.59 -24.57 22.69
CA VAL A 66 -29.65 -25.13 23.65
C VAL A 66 -29.48 -26.63 23.41
N ALA A 67 -30.57 -27.33 23.08
CA ALA A 67 -30.54 -28.78 22.93
C ALA A 67 -29.70 -29.16 21.71
N LEU A 68 -29.91 -28.45 20.61
CA LEU A 68 -29.19 -28.72 19.37
C LEU A 68 -27.70 -28.47 19.57
N ALA A 69 -27.38 -27.35 20.24
CA ALA A 69 -26.01 -26.93 20.43
C ALA A 69 -25.28 -27.88 21.37
N THR A 70 -25.96 -28.32 22.45
CA THR A 70 -25.42 -29.30 23.38
C THR A 70 -24.96 -30.55 22.62
N THR A 71 -25.84 -31.09 21.77
CA THR A 71 -25.55 -32.32 21.06
C THR A 71 -24.38 -32.10 20.11
N ALA A 72 -24.39 -30.94 19.44
CA ALA A 72 -23.45 -30.65 18.38
C ALA A 72 -22.04 -30.53 18.96
N LEU A 73 -21.97 -30.19 20.24
CA LEU A 73 -20.69 -29.85 20.86
C LEU A 73 -20.34 -30.83 21.97
N GLN A 74 -21.11 -31.92 22.08
CA GLN A 74 -20.95 -32.90 23.15
C GLN A 74 -19.53 -33.46 23.18
N HIS A 75 -18.92 -33.60 22.00
CA HIS A 75 -17.60 -34.21 21.84
C HIS A 75 -16.47 -33.33 22.36
N LEU A 76 -16.74 -32.07 22.73
CA LEU A 76 -15.71 -31.16 23.21
C LEU A 76 -15.77 -31.06 24.73
N PRO A 77 -14.79 -31.62 25.48
CA PRO A 77 -14.94 -31.85 26.91
C PRO A 77 -14.98 -30.60 27.79
N ASN A 78 -14.43 -29.50 27.27
CA ASN A 78 -14.28 -28.29 28.06
C ASN A 78 -15.27 -27.22 27.59
N VAL A 79 -16.37 -27.64 26.95
CA VAL A 79 -17.37 -26.74 26.42
C VAL A 79 -18.68 -27.05 27.12
N GLU A 80 -19.39 -25.99 27.52
CA GLU A 80 -20.69 -26.07 28.16
C GLU A 80 -21.62 -25.14 27.38
N VAL A 81 -22.88 -25.56 27.20
CA VAL A 81 -23.84 -24.76 26.47
C VAL A 81 -24.88 -24.21 27.45
N MET A 82 -25.11 -22.88 27.43
CA MET A 82 -26.01 -22.24 28.38
C MET A 82 -26.83 -21.15 27.70
N GLY A 83 -28.06 -20.96 28.18
CA GLY A 83 -28.88 -19.81 27.79
C GLY A 83 -28.60 -18.66 28.75
N PHE A 84 -28.83 -17.43 28.32
CA PHE A 84 -28.71 -16.30 29.23
C PHE A 84 -29.67 -15.20 28.80
N SER A 85 -30.08 -14.39 29.77
CA SER A 85 -31.06 -13.35 29.50
C SER A 85 -30.65 -12.01 30.14
N ASP A 86 -29.41 -11.88 30.58
CA ASP A 86 -28.99 -10.71 31.32
C ASP A 86 -27.89 -9.99 30.53
N LEU A 87 -27.49 -8.83 31.06
CA LEU A 87 -26.32 -8.12 30.58
C LEU A 87 -25.15 -9.10 30.52
N MET A 88 -24.53 -9.22 29.34
CA MET A 88 -23.37 -10.07 29.14
C MET A 88 -22.33 -9.85 30.22
N ALA A 89 -22.11 -8.60 30.64
CA ALA A 89 -21.13 -8.38 31.69
C ALA A 89 -21.55 -9.08 32.98
N ASN A 90 -22.87 -9.14 33.25
CA ASN A 90 -23.37 -9.73 34.48
C ASN A 90 -23.23 -11.25 34.46
N PHE A 91 -23.49 -11.82 33.28
CA PHE A 91 -23.37 -13.24 33.08
C PHE A 91 -21.90 -13.67 33.21
N ALA A 92 -21.00 -12.94 32.53
CA ALA A 92 -19.58 -13.25 32.53
C ALA A 92 -19.07 -13.19 33.96
N ARG A 93 -19.54 -12.17 34.67
CA ARG A 93 -19.16 -11.99 36.06
C ARG A 93 -19.75 -13.15 36.89
N ALA A 94 -20.99 -13.55 36.58
CA ALA A 94 -21.63 -14.62 37.32
C ALA A 94 -20.91 -15.94 37.06
N GLN A 95 -20.39 -16.12 35.84
CA GLN A 95 -19.76 -17.36 35.43
C GLN A 95 -18.26 -17.31 35.71
N GLN A 96 -17.78 -16.19 36.22
CA GLN A 96 -16.35 -15.97 36.45
C GLN A 96 -15.56 -16.18 35.16
N ALA A 97 -16.07 -15.63 34.07
CA ALA A 97 -15.39 -15.64 32.78
C ALA A 97 -14.60 -14.35 32.60
N ASN A 98 -13.45 -14.46 31.92
CA ASN A 98 -12.51 -13.37 31.72
C ASN A 98 -12.24 -13.13 30.24
N ILE A 99 -12.86 -13.93 29.37
CA ILE A 99 -12.65 -13.79 27.94
C ILE A 99 -14.00 -13.88 27.26
N LEU A 100 -14.19 -13.04 26.23
CA LEU A 100 -15.34 -13.09 25.35
C LEU A 100 -14.85 -13.33 23.92
N ILE A 101 -15.37 -14.38 23.28
CA ILE A 101 -15.04 -14.80 21.91
C ILE A 101 -16.11 -14.35 20.94
N ARG A 102 -15.70 -13.77 19.82
CA ARG A 102 -16.61 -13.56 18.71
C ARG A 102 -15.94 -14.07 17.45
N GLY A 103 -16.72 -14.77 16.62
CA GLY A 103 -16.38 -15.00 15.22
C GLY A 103 -16.57 -13.71 14.43
N LEU A 104 -15.67 -13.44 13.49
CA LEU A 104 -15.69 -12.20 12.73
C LEU A 104 -15.69 -12.48 11.23
N ARG A 105 -16.89 -12.45 10.63
CA ARG A 105 -17.11 -12.94 9.28
C ARG A 105 -17.13 -11.77 8.29
N ALA A 106 -17.96 -10.76 8.58
CA ALA A 106 -18.16 -9.66 7.67
C ALA A 106 -17.52 -8.37 8.21
N VAL A 107 -17.24 -7.44 7.29
CA VAL A 107 -16.71 -6.13 7.61
C VAL A 107 -17.78 -5.36 8.39
N ALA A 108 -19.05 -5.58 8.05
CA ALA A 108 -20.17 -4.92 8.72
C ALA A 108 -20.23 -5.31 10.19
N ASP A 109 -19.90 -6.56 10.50
CA ASP A 109 -19.91 -7.06 11.87
C ASP A 109 -18.77 -6.43 12.67
N PHE A 110 -17.60 -6.29 12.05
CA PHE A 110 -16.43 -5.75 12.72
C PHE A 110 -16.76 -4.42 13.40
N GLU A 111 -17.42 -3.53 12.66
CA GLU A 111 -17.81 -2.21 13.15
C GLU A 111 -18.65 -2.33 14.43
N TYR A 112 -19.72 -3.11 14.34
CA TYR A 112 -20.68 -3.24 15.43
C TYR A 112 -19.97 -3.89 16.62
N GLU A 113 -19.17 -4.93 16.34
CA GLU A 113 -18.52 -5.69 17.39
C GLU A 113 -17.50 -4.81 18.11
N MET A 114 -16.79 -3.95 17.38
CA MET A 114 -15.83 -3.04 18.00
C MET A 114 -16.51 -2.06 18.96
N GLN A 115 -17.71 -1.58 18.58
CA GLN A 115 -18.55 -0.73 19.41
C GLN A 115 -18.92 -1.47 20.70
N LEU A 116 -19.46 -2.69 20.59
CA LEU A 116 -19.90 -3.43 21.76
C LEU A 116 -18.70 -3.69 22.67
N ALA A 117 -17.55 -4.00 22.06
CA ALA A 117 -16.36 -4.34 22.82
C ALA A 117 -15.96 -3.15 23.68
N HIS A 118 -16.00 -1.95 23.10
CA HIS A 118 -15.72 -0.73 23.87
C HIS A 118 -16.72 -0.59 25.02
N MET A 119 -18.00 -0.79 24.75
CA MET A 119 -18.99 -0.68 25.80
C MET A 119 -18.68 -1.73 26.87
N ASN A 120 -18.36 -2.96 26.44
CA ASN A 120 -18.05 -4.03 27.38
C ASN A 120 -16.84 -3.68 28.24
N ARG A 121 -15.85 -2.98 27.67
CA ARG A 121 -14.69 -2.53 28.43
C ARG A 121 -15.14 -1.55 29.52
N HIS A 122 -16.09 -0.65 29.21
CA HIS A 122 -16.63 0.28 30.20
C HIS A 122 -17.37 -0.50 31.31
N LEU A 123 -18.19 -1.47 30.91
CA LEU A 123 -19.04 -2.20 31.84
C LEU A 123 -18.23 -3.22 32.65
N MET A 124 -17.21 -3.83 32.03
CA MET A 124 -16.45 -4.89 32.69
C MET A 124 -15.01 -4.86 32.19
N PRO A 125 -14.14 -4.02 32.80
CA PRO A 125 -12.76 -3.85 32.36
C PRO A 125 -11.96 -5.14 32.33
N GLU A 126 -12.34 -6.11 33.19
CA GLU A 126 -11.51 -7.29 33.43
C GLU A 126 -11.85 -8.39 32.43
N LEU A 127 -12.82 -8.12 31.54
CA LEU A 127 -13.16 -9.03 30.46
C LEU A 127 -12.41 -8.62 29.21
N GLU A 128 -11.68 -9.56 28.58
CA GLU A 128 -10.99 -9.27 27.33
C GLU A 128 -11.81 -9.87 26.19
N SER A 129 -12.05 -9.06 25.15
CA SER A 129 -12.76 -9.51 23.97
C SER A 129 -11.75 -9.99 22.94
N VAL A 130 -12.02 -11.13 22.31
CA VAL A 130 -11.09 -11.75 21.40
C VAL A 130 -11.84 -12.15 20.13
N PHE A 131 -11.18 -12.06 18.98
CA PHE A 131 -11.85 -12.27 17.71
C PHE A 131 -11.12 -13.32 16.90
N LEU A 132 -11.93 -14.20 16.30
CA LEU A 132 -11.47 -15.24 15.39
C LEU A 132 -12.15 -15.02 14.04
N MET A 133 -11.40 -15.29 12.97
CA MET A 133 -11.95 -15.27 11.63
C MET A 133 -12.46 -16.66 11.35
N PRO A 134 -13.51 -16.82 10.52
CA PRO A 134 -14.00 -18.16 10.20
C PRO A 134 -13.02 -18.83 9.26
N SER A 135 -12.91 -20.18 9.32
N SER A 135 -12.93 -20.18 9.31
CA SER A 135 -12.20 -20.94 8.32
CA SER A 135 -12.22 -20.93 8.30
C SER A 135 -12.75 -20.59 6.94
C SER A 135 -12.74 -20.54 6.93
N LYS A 136 -11.95 -20.77 5.89
CA LYS A 136 -12.31 -20.34 4.55
C LYS A 136 -13.59 -21.06 4.10
N GLU A 137 -13.66 -22.35 4.45
CA GLU A 137 -14.79 -23.23 4.17
C GLU A 137 -16.13 -22.61 4.62
N TRP A 138 -16.15 -21.96 5.80
CA TRP A 138 -17.38 -21.49 6.42
C TRP A 138 -17.56 -19.98 6.26
N SER A 139 -16.74 -19.37 5.41
CA SER A 139 -16.57 -17.93 5.45
C SER A 139 -17.81 -17.20 4.94
N PHE A 140 -18.72 -17.88 4.23
CA PHE A 140 -19.89 -17.19 3.69
C PHE A 140 -21.20 -17.67 4.32
N ILE A 141 -21.16 -18.63 5.26
CA ILE A 141 -22.40 -19.15 5.81
C ILE A 141 -22.81 -18.33 7.03
N SER A 142 -24.12 -18.18 7.20
CA SER A 142 -24.69 -17.72 8.46
C SER A 142 -25.95 -18.54 8.73
N SER A 143 -26.41 -18.52 9.99
CA SER A 143 -27.69 -19.12 10.34
C SER A 143 -28.76 -18.67 9.34
N SER A 144 -28.90 -17.33 9.20
CA SER A 144 -29.90 -16.65 8.38
C SER A 144 -29.87 -17.12 6.93
N LEU A 145 -28.67 -17.24 6.37
CA LEU A 145 -28.54 -17.63 4.98
C LEU A 145 -29.02 -19.08 4.82
N VAL A 146 -28.57 -19.96 5.71
CA VAL A 146 -28.83 -21.38 5.58
C VAL A 146 -30.33 -21.64 5.66
N LYS A 147 -31.02 -20.91 6.55
CA LYS A 147 -32.46 -21.02 6.70
C LYS A 147 -33.16 -20.56 5.42
N GLU A 148 -32.72 -19.42 4.88
CA GLU A 148 -33.31 -18.85 3.68
C GLU A 148 -33.21 -19.85 2.53
N VAL A 149 -32.03 -20.44 2.33
CA VAL A 149 -31.82 -21.46 1.31
C VAL A 149 -32.70 -22.68 1.57
N ALA A 150 -32.72 -23.17 2.81
CA ALA A 150 -33.47 -24.38 3.15
C ALA A 150 -34.97 -24.16 3.01
N ARG A 151 -35.42 -22.92 3.22
CA ARG A 151 -36.83 -22.56 3.14
C ARG A 151 -37.35 -22.79 1.73
N HIS A 152 -36.48 -22.61 0.73
CA HIS A 152 -36.79 -22.93 -0.65
C HIS A 152 -35.99 -24.16 -1.08
N ALA A 153 -35.94 -25.17 -0.20
CA ALA A 153 -35.53 -26.53 -0.53
C ALA A 153 -34.10 -26.62 -1.11
N GLY A 154 -33.26 -25.60 -0.90
CA GLY A 154 -31.85 -25.70 -1.28
C GLY A 154 -31.10 -26.67 -0.38
N ASP A 155 -30.07 -27.33 -0.91
CA ASP A 155 -29.32 -28.32 -0.15
C ASP A 155 -28.32 -27.63 0.78
N VAL A 156 -28.48 -27.84 2.09
CA VAL A 156 -27.66 -27.21 3.11
C VAL A 156 -27.08 -28.28 4.04
N THR A 157 -26.98 -29.52 3.53
CA THR A 157 -26.49 -30.63 4.34
C THR A 157 -25.03 -30.39 4.70
N HIS A 158 -24.31 -29.65 3.84
CA HIS A 158 -22.88 -29.43 3.97
C HIS A 158 -22.56 -28.47 5.12
N PHE A 159 -23.53 -27.64 5.51
CA PHE A 159 -23.28 -26.53 6.42
C PHE A 159 -23.77 -26.80 7.85
N LEU A 160 -24.48 -27.90 8.12
CA LEU A 160 -25.02 -28.13 9.45
C LEU A 160 -24.62 -29.53 9.92
N PRO A 161 -24.52 -29.77 11.25
CA PRO A 161 -24.43 -31.13 11.78
C PRO A 161 -25.79 -31.81 11.59
N ALA A 162 -25.77 -33.15 11.57
CA ALA A 162 -26.96 -33.96 11.27
C ALA A 162 -28.11 -33.56 12.18
N ASN A 163 -27.86 -33.49 13.48
CA ASN A 163 -28.93 -33.29 14.44
C ASN A 163 -29.65 -31.98 14.10
N VAL A 164 -28.89 -30.93 13.74
CA VAL A 164 -29.48 -29.64 13.42
C VAL A 164 -30.20 -29.74 12.07
N HIS A 165 -29.59 -30.41 11.09
CA HIS A 165 -30.17 -30.49 9.77
C HIS A 165 -31.58 -31.08 9.86
N GLN A 166 -31.71 -32.22 10.55
CA GLN A 166 -32.98 -32.89 10.69
C GLN A 166 -33.99 -31.95 11.35
N ALA A 167 -33.56 -31.21 12.38
CA ALA A 167 -34.47 -30.36 13.13
C ALA A 167 -35.00 -29.23 12.24
N LEU A 168 -34.13 -28.71 11.38
CA LEU A 168 -34.51 -27.66 10.45
C LEU A 168 -35.52 -28.17 9.42
N MET A 169 -35.24 -29.36 8.85
CA MET A 169 -36.18 -30.03 7.94
C MET A 169 -37.54 -30.19 8.59
N GLU A 170 -37.56 -30.62 9.86
CA GLU A 170 -38.80 -30.80 10.60
C GLU A 170 -39.54 -29.48 10.72
N LYS A 171 -38.81 -28.38 10.98
CA LYS A 171 -39.40 -27.08 11.20
C LYS A 171 -40.04 -26.54 9.93
N LEU A 172 -39.53 -26.95 8.77
CA LEU A 172 -40.01 -26.45 7.48
C LEU A 172 -41.15 -27.31 6.94
N LYS A 173 -41.49 -28.42 7.62
CA LYS A 173 -42.49 -29.37 7.15
C LYS A 173 -43.54 -29.59 8.24
N MET B 1 -0.67 -41.49 29.22
CA MET B 1 -0.98 -42.50 28.16
C MET B 1 -0.04 -42.33 26.98
N ALA B 2 1.22 -41.98 27.28
CA ALA B 2 2.17 -41.59 26.25
C ALA B 2 2.56 -42.78 25.38
N SER B 3 2.43 -44.00 25.91
CA SER B 3 2.79 -45.21 25.18
C SER B 3 1.82 -45.46 24.04
N MET B 4 0.64 -44.85 24.12
CA MET B 4 -0.43 -45.04 23.16
C MET B 4 -0.52 -43.85 22.22
N THR B 5 -0.44 -42.63 22.78
CA THR B 5 -0.65 -41.43 21.97
C THR B 5 0.15 -40.27 22.52
N GLY B 6 0.61 -39.37 21.62
CA GLY B 6 1.23 -38.12 22.01
C GLY B 6 0.21 -36.99 22.22
N GLY B 7 -0.96 -37.14 21.59
CA GLY B 7 -2.08 -36.21 21.72
C GLY B 7 -2.19 -35.24 20.53
N GLN B 8 -3.45 -34.95 20.14
CA GLN B 8 -3.73 -33.96 19.12
C GLN B 8 -4.12 -32.66 19.81
N GLN B 9 -4.17 -31.58 19.01
CA GLN B 9 -4.44 -30.23 19.49
C GLN B 9 -5.95 -30.00 19.61
N MET B 10 -6.78 -30.67 18.79
CA MET B 10 -8.19 -30.34 18.73
C MET B 10 -9.06 -31.45 19.35
N GLY B 11 -10.09 -31.00 20.09
CA GLY B 11 -11.15 -31.87 20.58
C GLY B 11 -10.86 -32.44 21.97
N ARG B 12 -9.77 -31.98 22.62
CA ARG B 12 -9.22 -32.68 23.78
C ARG B 12 -8.90 -31.72 24.92
N GLY B 13 -9.59 -30.57 24.96
CA GLY B 13 -9.41 -29.59 26.03
C GLY B 13 -8.34 -28.55 25.69
N SER B 14 -7.84 -27.88 26.75
CA SER B 14 -6.90 -26.78 26.60
C SER B 14 -5.46 -27.28 26.55
N MET B 15 -4.67 -26.54 25.79
CA MET B 15 -3.29 -26.90 25.46
C MET B 15 -2.42 -25.69 25.79
N SER B 16 -1.17 -25.95 26.16
CA SER B 16 -0.16 -24.91 26.28
C SER B 16 -0.33 -23.92 25.13
N THR B 17 -0.30 -22.62 25.43
CA THR B 17 -0.37 -21.61 24.37
C THR B 17 0.93 -20.80 24.35
N LYS B 18 1.47 -20.65 23.14
CA LYS B 18 2.55 -19.74 22.84
C LYS B 18 2.22 -18.93 21.58
N ALA B 19 2.21 -17.60 21.74
CA ALA B 19 1.76 -16.67 20.73
C ALA B 19 2.96 -15.89 20.22
N ILE B 20 2.93 -15.54 18.92
CA ILE B 20 3.82 -14.53 18.39
C ILE B 20 2.98 -13.30 18.05
N TYR B 21 3.56 -12.11 18.25
CA TYR B 21 2.99 -10.84 17.87
C TYR B 21 3.99 -10.11 16.97
N PRO B 22 3.91 -10.34 15.64
CA PRO B 22 4.78 -9.69 14.68
C PRO B 22 4.41 -8.27 14.28
N GLY B 23 5.44 -7.51 13.92
CA GLY B 23 5.31 -6.14 13.50
C GLY B 23 6.68 -5.55 13.15
N THR B 24 6.68 -4.30 12.73
CA THR B 24 7.91 -3.53 12.57
C THR B 24 8.22 -2.76 13.85
N PHE B 25 7.21 -2.33 14.61
CA PHE B 25 7.43 -1.70 15.89
C PHE B 25 8.54 -0.65 15.77
N ASP B 26 8.28 0.38 14.95
CA ASP B 26 9.30 1.35 14.58
C ASP B 26 8.81 2.75 14.91
N PRO B 27 8.78 3.16 16.21
CA PRO B 27 9.06 2.30 17.35
C PRO B 27 7.80 1.78 18.04
N ILE B 28 7.98 0.87 19.02
CA ILE B 28 6.86 0.33 19.76
C ILE B 28 6.11 1.50 20.41
N THR B 29 4.76 1.51 20.33
CA THR B 29 3.94 2.54 20.98
C THR B 29 3.18 1.94 22.18
N ASN B 30 2.44 2.81 22.89
CA ASN B 30 1.54 2.35 23.95
C ASN B 30 0.44 1.41 23.44
N GLY B 31 0.04 1.58 22.17
CA GLY B 31 -0.96 0.74 21.55
C GLY B 31 -0.45 -0.68 21.37
N HIS B 32 0.84 -0.81 21.02
CA HIS B 32 1.49 -2.10 20.92
C HIS B 32 1.60 -2.76 22.29
N ILE B 33 1.89 -1.96 23.30
CA ILE B 33 2.14 -2.44 24.66
C ILE B 33 0.85 -2.96 25.27
N ASP B 34 -0.24 -2.23 25.03
CA ASP B 34 -1.57 -2.67 25.40
C ASP B 34 -1.93 -4.00 24.75
N ILE B 35 -1.81 -4.09 23.42
CA ILE B 35 -2.13 -5.34 22.73
C ILE B 35 -1.33 -6.51 23.33
N ILE B 36 -0.03 -6.34 23.58
CA ILE B 36 0.73 -7.49 24.06
C ILE B 36 0.44 -7.79 25.53
N THR B 37 0.06 -6.77 26.31
CA THR B 37 -0.28 -6.96 27.71
C THR B 37 -1.55 -7.81 27.81
N ARG B 38 -2.56 -7.43 27.02
CA ARG B 38 -3.79 -8.19 26.91
C ARG B 38 -3.48 -9.63 26.48
N ALA B 39 -2.64 -9.80 25.47
CA ALA B 39 -2.38 -11.14 24.94
C ALA B 39 -1.70 -11.99 25.99
N ALA B 40 -0.79 -11.37 26.76
CA ALA B 40 0.04 -12.10 27.69
C ALA B 40 -0.76 -12.48 28.95
N SER B 41 -1.89 -11.79 29.17
CA SER B 41 -2.83 -12.12 30.24
C SER B 41 -3.56 -13.42 29.92
N MET B 42 -3.69 -13.80 28.64
CA MET B 42 -4.57 -14.88 28.26
C MET B 42 -3.81 -16.07 27.64
N PHE B 43 -2.55 -15.89 27.25
CA PHE B 43 -1.78 -17.01 26.72
C PHE B 43 -0.55 -17.21 27.58
N ASP B 44 -0.03 -18.45 27.57
CA ASP B 44 1.06 -18.82 28.46
C ASP B 44 2.29 -17.94 28.20
N ARG B 45 2.70 -17.85 26.92
CA ARG B 45 3.89 -17.10 26.54
C ARG B 45 3.62 -16.31 25.27
N VAL B 46 4.34 -15.18 25.13
CA VAL B 46 4.21 -14.26 24.00
C VAL B 46 5.59 -13.77 23.55
N ILE B 47 5.85 -13.92 22.25
CA ILE B 47 7.03 -13.36 21.60
C ILE B 47 6.59 -12.16 20.78
N LEU B 48 7.12 -10.98 21.13
CA LEU B 48 7.09 -9.83 20.24
C LEU B 48 8.14 -10.03 19.15
N ALA B 49 7.69 -10.30 17.93
CA ALA B 49 8.56 -10.65 16.81
C ALA B 49 8.77 -9.42 15.93
N ILE B 50 10.00 -8.87 15.90
CA ILE B 50 10.23 -7.62 15.18
C ILE B 50 10.87 -7.88 13.83
N ALA B 51 10.27 -7.31 12.78
CA ALA B 51 10.68 -7.57 11.41
C ALA B 51 12.02 -6.89 11.11
N ALA B 52 13.03 -7.68 10.72
CA ALA B 52 14.38 -7.15 10.49
C ALA B 52 14.43 -6.21 9.29
N SER B 53 13.74 -6.56 8.20
CA SER B 53 13.87 -5.89 6.91
C SER B 53 12.50 -5.54 6.34
N PRO B 54 11.78 -4.55 6.91
CA PRO B 54 10.52 -4.13 6.33
C PRO B 54 10.74 -3.52 4.95
N SER B 55 9.68 -3.49 4.12
CA SER B 55 9.82 -2.99 2.76
C SER B 55 10.18 -1.50 2.76
N LYS B 56 9.54 -0.73 3.66
CA LYS B 56 9.85 0.67 3.88
C LYS B 56 10.96 0.80 4.94
N LYS B 57 11.99 1.62 4.65
CA LYS B 57 13.18 1.71 5.47
C LYS B 57 12.81 2.29 6.83
N PRO B 58 13.07 1.59 7.95
CA PRO B 58 12.58 2.06 9.26
C PRO B 58 13.46 3.16 9.85
N MET B 59 12.87 3.98 10.72
CA MET B 59 13.59 5.05 11.39
C MET B 59 14.63 4.47 12.35
N PHE B 60 14.23 3.38 13.04
CA PHE B 60 15.09 2.69 14.00
C PHE B 60 15.57 1.39 13.39
N ASP B 61 16.85 1.05 13.56
CA ASP B 61 17.33 -0.24 13.06
C ASP B 61 16.76 -1.35 13.94
N LEU B 62 16.95 -2.59 13.49
CA LEU B 62 16.47 -3.76 14.21
C LEU B 62 16.97 -3.80 15.65
N GLU B 63 18.28 -3.62 15.81
CA GLU B 63 18.91 -3.61 17.11
C GLU B 63 18.21 -2.60 18.00
N GLU B 64 17.95 -1.40 17.47
CA GLU B 64 17.33 -0.33 18.26
C GLU B 64 15.90 -0.71 18.63
N ARG B 65 15.17 -1.26 17.66
CA ARG B 65 13.78 -1.61 17.84
C ARG B 65 13.68 -2.69 18.93
N VAL B 66 14.57 -3.69 18.86
CA VAL B 66 14.57 -4.81 19.81
C VAL B 66 14.97 -4.30 21.18
N ALA B 67 15.86 -3.30 21.25
CA ALA B 67 16.30 -2.82 22.54
C ALA B 67 15.18 -2.02 23.22
N LEU B 68 14.52 -1.14 22.46
CA LEU B 68 13.48 -0.31 23.04
C LEU B 68 12.29 -1.14 23.53
N ALA B 69 11.90 -2.16 22.76
CA ALA B 69 10.77 -3.00 23.11
C ALA B 69 11.08 -3.88 24.32
N THR B 70 12.30 -4.43 24.36
CA THR B 70 12.76 -5.25 25.47
C THR B 70 12.61 -4.47 26.77
N THR B 71 13.14 -3.24 26.78
CA THR B 71 12.96 -2.35 27.91
C THR B 71 11.48 -2.12 28.21
N ALA B 72 10.66 -1.80 27.19
CA ALA B 72 9.31 -1.33 27.44
C ALA B 72 8.40 -2.44 27.97
N LEU B 73 8.82 -3.71 27.82
CA LEU B 73 7.97 -4.84 28.12
C LEU B 73 8.56 -5.74 29.21
N GLN B 74 9.64 -5.28 29.83
CA GLN B 74 10.44 -6.15 30.68
C GLN B 74 9.66 -6.50 31.95
N HIS B 75 8.62 -5.70 32.24
CA HIS B 75 7.75 -5.91 33.38
C HIS B 75 6.70 -7.01 33.13
N LEU B 76 6.67 -7.57 31.90
CA LEU B 76 5.80 -8.70 31.63
C LEU B 76 6.65 -9.95 31.64
N PRO B 77 6.46 -10.87 32.63
CA PRO B 77 7.34 -12.03 32.78
C PRO B 77 7.22 -13.07 31.67
N ASN B 78 6.05 -13.20 31.03
CA ASN B 78 5.84 -14.26 30.04
C ASN B 78 6.05 -13.75 28.61
N VAL B 79 6.75 -12.62 28.47
CA VAL B 79 6.95 -11.98 27.18
C VAL B 79 8.44 -12.01 26.85
N GLU B 80 8.81 -12.37 25.62
CA GLU B 80 10.18 -12.15 25.15
C GLU B 80 10.17 -11.42 23.80
N VAL B 81 11.24 -10.65 23.54
CA VAL B 81 11.36 -9.85 22.32
C VAL B 81 12.45 -10.42 21.44
N MET B 82 12.13 -10.64 20.15
CA MET B 82 13.06 -11.19 19.17
C MET B 82 12.88 -10.49 17.83
N GLY B 83 13.98 -10.41 17.05
CA GLY B 83 13.92 -9.97 15.68
C GLY B 83 13.73 -11.21 14.81
N PHE B 84 13.20 -11.04 13.59
CA PHE B 84 13.05 -12.18 12.69
C PHE B 84 13.06 -11.68 11.24
N SER B 85 13.51 -12.54 10.33
CA SER B 85 13.60 -12.19 8.92
C SER B 85 13.07 -13.36 8.10
N ASP B 86 11.75 -13.55 8.13
CA ASP B 86 11.12 -14.73 7.56
C ASP B 86 9.63 -14.45 7.45
N LEU B 87 8.89 -15.35 6.81
CA LEU B 87 7.43 -15.34 6.87
C LEU B 87 7.05 -15.49 8.33
N MET B 88 6.00 -14.79 8.76
CA MET B 88 5.50 -14.95 10.11
C MET B 88 5.13 -16.41 10.39
N ALA B 89 4.68 -17.18 9.39
CA ALA B 89 4.34 -18.57 9.60
C ALA B 89 5.61 -19.41 9.82
N ASN B 90 6.71 -19.07 9.13
CA ASN B 90 7.94 -19.81 9.30
C ASN B 90 8.51 -19.59 10.70
N PHE B 91 8.45 -18.34 11.14
CA PHE B 91 8.96 -17.97 12.46
C PHE B 91 8.13 -18.68 13.52
N ALA B 92 6.80 -18.62 13.38
CA ALA B 92 5.95 -19.30 14.33
C ALA B 92 6.34 -20.79 14.42
N ARG B 93 6.59 -21.44 13.28
CA ARG B 93 6.91 -22.86 13.27
C ARG B 93 8.27 -23.12 13.93
N ALA B 94 9.26 -22.32 13.57
CA ALA B 94 10.57 -22.40 14.21
C ALA B 94 10.46 -22.21 15.72
N GLN B 95 9.53 -21.36 16.17
CA GLN B 95 9.42 -21.00 17.57
C GLN B 95 8.45 -21.92 18.30
N GLN B 96 7.83 -22.86 17.58
CA GLN B 96 6.89 -23.80 18.15
C GLN B 96 5.73 -23.04 18.80
N ALA B 97 5.30 -21.95 18.16
CA ALA B 97 4.14 -21.18 18.58
C ALA B 97 2.88 -21.73 17.90
N ASN B 98 1.72 -21.59 18.55
CA ASN B 98 0.45 -22.06 17.99
C ASN B 98 -0.57 -20.93 17.89
N ILE B 99 -0.19 -19.72 18.28
CA ILE B 99 -1.07 -18.58 18.16
C ILE B 99 -0.33 -17.41 17.50
N LEU B 100 -1.06 -16.70 16.62
CA LEU B 100 -0.58 -15.47 15.99
C LEU B 100 -1.47 -14.29 16.38
N ILE B 101 -0.87 -13.30 17.04
CA ILE B 101 -1.61 -12.14 17.50
C ILE B 101 -1.63 -11.09 16.38
N ARG B 102 -2.82 -10.60 16.06
CA ARG B 102 -2.99 -9.47 15.15
C ARG B 102 -3.83 -8.39 15.81
N GLY B 103 -3.32 -7.15 15.78
CA GLY B 103 -4.06 -5.95 16.13
C GLY B 103 -5.03 -5.58 15.00
N LEU B 104 -6.28 -5.28 15.36
CA LEU B 104 -7.30 -4.99 14.38
C LEU B 104 -7.86 -3.60 14.64
N ARG B 105 -7.29 -2.60 13.95
CA ARG B 105 -7.56 -1.19 14.21
C ARG B 105 -8.70 -0.66 13.34
N ALA B 106 -8.64 -0.94 12.02
CA ALA B 106 -9.47 -0.27 11.02
C ALA B 106 -10.25 -1.26 10.15
N VAL B 107 -11.37 -0.78 9.59
CA VAL B 107 -12.23 -1.52 8.69
C VAL B 107 -11.48 -1.78 7.38
N ALA B 108 -10.69 -0.79 6.96
CA ALA B 108 -9.96 -0.85 5.72
C ALA B 108 -9.10 -2.11 5.65
N ASP B 109 -8.71 -2.62 6.84
CA ASP B 109 -7.70 -3.66 6.96
C ASP B 109 -8.31 -5.05 7.10
N PHE B 110 -9.61 -5.11 7.40
CA PHE B 110 -10.28 -6.36 7.75
C PHE B 110 -10.03 -7.41 6.66
N GLU B 111 -10.29 -7.05 5.40
CA GLU B 111 -10.21 -7.98 4.28
C GLU B 111 -8.78 -8.51 4.22
N TYR B 112 -7.82 -7.60 4.31
CA TYR B 112 -6.41 -7.93 4.22
C TYR B 112 -6.05 -8.92 5.33
N GLU B 113 -6.63 -8.69 6.52
CA GLU B 113 -6.35 -9.50 7.68
C GLU B 113 -6.88 -10.91 7.46
N MET B 114 -8.16 -11.00 7.07
CA MET B 114 -8.77 -12.29 6.77
C MET B 114 -7.93 -13.05 5.75
N GLN B 115 -7.42 -12.32 4.74
CA GLN B 115 -6.72 -12.94 3.64
C GLN B 115 -5.34 -13.44 4.09
N LEU B 116 -4.62 -12.65 4.89
CA LEU B 116 -3.38 -13.12 5.47
C LEU B 116 -3.62 -14.37 6.32
N ALA B 117 -4.73 -14.37 7.05
CA ALA B 117 -5.04 -15.47 7.95
C ALA B 117 -5.32 -16.73 7.14
N HIS B 118 -5.92 -16.59 5.96
CA HIS B 118 -6.18 -17.74 5.12
C HIS B 118 -4.85 -18.27 4.61
N MET B 119 -3.97 -17.36 4.18
CA MET B 119 -2.64 -17.76 3.73
C MET B 119 -1.90 -18.48 4.86
N ASN B 120 -1.94 -17.93 6.07
CA ASN B 120 -1.19 -18.53 7.17
C ASN B 120 -1.78 -19.89 7.51
N ARG B 121 -3.10 -20.05 7.40
CA ARG B 121 -3.71 -21.37 7.60
C ARG B 121 -3.15 -22.37 6.59
N HIS B 122 -3.01 -21.91 5.35
CA HIS B 122 -2.50 -22.76 4.29
C HIS B 122 -1.06 -23.14 4.58
N LEU B 123 -0.28 -22.17 5.10
CA LEU B 123 1.14 -22.40 5.30
C LEU B 123 1.37 -23.26 6.55
N MET B 124 0.61 -22.99 7.61
CA MET B 124 0.83 -23.63 8.89
C MET B 124 -0.52 -23.86 9.56
N PRO B 125 -1.20 -24.97 9.22
CA PRO B 125 -2.54 -25.26 9.71
C PRO B 125 -2.70 -25.25 11.23
N GLU B 126 -1.62 -25.50 11.96
CA GLU B 126 -1.72 -25.61 13.40
C GLU B 126 -1.64 -24.23 14.05
N LEU B 127 -1.41 -23.17 13.23
CA LEU B 127 -1.27 -21.82 13.75
C LEU B 127 -2.62 -21.13 13.67
N GLU B 128 -3.13 -20.67 14.83
N GLU B 128 -3.14 -20.69 14.83
CA GLU B 128 -4.40 -19.98 14.95
CA GLU B 128 -4.38 -19.95 14.91
C GLU B 128 -4.15 -18.46 15.01
C GLU B 128 -4.10 -18.45 14.97
N SER B 129 -4.85 -17.67 14.19
CA SER B 129 -4.73 -16.23 14.25
C SER B 129 -5.80 -15.72 15.21
N VAL B 130 -5.39 -14.81 16.10
CA VAL B 130 -6.27 -14.24 17.09
C VAL B 130 -6.15 -12.72 16.98
N PHE B 131 -7.32 -12.06 17.01
CA PHE B 131 -7.48 -10.67 16.64
C PHE B 131 -7.93 -9.91 17.87
N LEU B 132 -7.15 -8.90 18.27
CA LEU B 132 -7.50 -8.00 19.35
C LEU B 132 -7.73 -6.60 18.80
N MET B 133 -8.78 -5.94 19.31
CA MET B 133 -9.08 -4.55 19.04
C MET B 133 -8.17 -3.71 19.93
N PRO B 134 -7.70 -2.54 19.46
CA PRO B 134 -6.92 -1.67 20.34
C PRO B 134 -7.89 -0.96 21.27
N SER B 135 -7.42 -0.64 22.47
N SER B 135 -7.41 -0.64 22.47
CA SER B 135 -8.14 0.20 23.42
CA SER B 135 -8.17 0.19 23.40
C SER B 135 -8.51 1.51 22.72
C SER B 135 -8.50 1.51 22.73
N LYS B 136 -9.61 2.12 23.17
CA LYS B 136 -10.09 3.36 22.59
C LYS B 136 -9.04 4.47 22.70
N GLU B 137 -8.23 4.40 23.76
CA GLU B 137 -7.22 5.39 24.03
C GLU B 137 -6.15 5.39 22.93
N TRP B 138 -5.87 4.21 22.35
CA TRP B 138 -4.78 4.07 21.39
C TRP B 138 -5.32 3.81 19.99
N SER B 139 -6.60 4.09 19.78
CA SER B 139 -7.28 3.66 18.57
C SER B 139 -6.80 4.46 17.35
N PHE B 140 -6.31 5.69 17.54
CA PHE B 140 -5.98 6.53 16.40
C PHE B 140 -4.47 6.66 16.21
N ILE B 141 -3.66 6.01 17.06
CA ILE B 141 -2.22 6.18 16.94
C ILE B 141 -1.62 5.06 16.10
N SER B 142 -0.46 5.34 15.53
CA SER B 142 0.37 4.38 14.82
C SER B 142 1.80 4.86 14.94
N SER B 143 2.78 3.95 14.83
CA SER B 143 4.16 4.37 14.79
C SER B 143 4.33 5.52 13.81
N SER B 144 3.83 5.34 12.58
CA SER B 144 3.94 6.34 11.54
C SER B 144 3.43 7.71 11.97
N LEU B 145 2.22 7.76 12.55
CA LEU B 145 1.63 9.04 12.88
C LEU B 145 2.42 9.72 13.99
N VAL B 146 2.81 8.96 15.01
CA VAL B 146 3.59 9.51 16.11
C VAL B 146 4.89 10.13 15.58
N LYS B 147 5.65 9.41 14.75
CA LYS B 147 6.88 9.92 14.15
C LYS B 147 6.65 11.26 13.45
N GLU B 148 5.54 11.37 12.70
CA GLU B 148 5.32 12.55 11.87
C GLU B 148 4.89 13.74 12.72
N VAL B 149 4.15 13.50 13.80
CA VAL B 149 3.78 14.58 14.72
C VAL B 149 5.04 15.07 15.43
N ALA B 150 5.86 14.11 15.88
CA ALA B 150 7.09 14.37 16.62
C ALA B 150 8.09 15.17 15.78
N ARG B 151 8.17 14.82 14.50
CA ARG B 151 9.10 15.45 13.58
C ARG B 151 8.84 16.96 13.57
N HIS B 152 7.56 17.33 13.54
CA HIS B 152 7.15 18.72 13.45
C HIS B 152 6.76 19.22 14.83
N ALA B 153 7.36 18.65 15.88
CA ALA B 153 7.38 19.27 17.20
C ALA B 153 6.08 19.13 18.00
N GLY B 154 5.12 18.31 17.52
CA GLY B 154 3.94 18.03 18.32
C GLY B 154 4.27 17.16 19.53
N ASP B 155 3.44 17.23 20.57
CA ASP B 155 3.63 16.48 21.79
C ASP B 155 3.07 15.07 21.64
N VAL B 156 3.96 14.07 21.77
CA VAL B 156 3.60 12.67 21.68
C VAL B 156 4.01 11.93 22.95
N THR B 157 4.24 12.65 24.05
CA THR B 157 4.64 12.04 25.31
C THR B 157 3.57 11.06 25.81
N HIS B 158 2.31 11.33 25.50
CA HIS B 158 1.18 10.54 25.98
C HIS B 158 1.09 9.16 25.30
N PHE B 159 1.79 8.98 24.17
CA PHE B 159 1.61 7.84 23.29
C PHE B 159 2.75 6.82 23.36
N LEU B 160 3.88 7.19 23.96
CA LEU B 160 5.08 6.36 23.96
C LEU B 160 5.51 6.09 25.39
N PRO B 161 6.21 4.97 25.71
CA PRO B 161 6.90 4.84 26.97
C PRO B 161 8.11 5.76 26.91
N ALA B 162 8.66 6.04 28.09
CA ALA B 162 9.63 7.09 28.32
C ALA B 162 10.92 6.78 27.55
N ASN B 163 11.33 5.51 27.55
CA ASN B 163 12.53 5.10 26.87
C ASN B 163 12.39 5.39 25.38
N VAL B 164 11.21 5.10 24.82
CA VAL B 164 11.02 5.27 23.40
C VAL B 164 10.94 6.74 23.04
N HIS B 165 10.26 7.53 23.87
CA HIS B 165 10.07 8.96 23.63
C HIS B 165 11.43 9.66 23.57
N GLN B 166 12.36 9.24 24.42
CA GLN B 166 13.68 9.84 24.47
C GLN B 166 14.47 9.47 23.22
N ALA B 167 14.45 8.18 22.87
CA ALA B 167 15.17 7.73 21.68
C ALA B 167 14.63 8.45 20.44
N LEU B 168 13.33 8.74 20.42
CA LEU B 168 12.71 9.38 19.27
C LEU B 168 13.16 10.83 19.14
N MET B 169 13.20 11.54 20.26
CA MET B 169 13.65 12.93 20.23
C MET B 169 15.09 13.01 19.73
N GLU B 170 15.94 12.06 20.14
CA GLU B 170 17.31 12.01 19.68
C GLU B 170 17.35 11.87 18.16
N LYS B 171 16.48 11.01 17.61
CA LYS B 171 16.47 10.79 16.16
C LYS B 171 16.12 12.07 15.41
N LEU B 172 15.36 12.96 16.04
CA LEU B 172 14.78 14.11 15.36
C LEU B 172 15.54 15.38 15.74
N LYS B 173 16.88 15.32 15.70
CA LYS B 173 17.75 16.47 15.93
C LYS B 173 17.59 16.93 17.39
N MET C 15 -22.04 -22.44 -28.18
CA MET C 15 -22.87 -22.19 -26.98
C MET C 15 -23.18 -20.69 -26.88
N SER C 16 -24.46 -20.35 -26.68
CA SER C 16 -24.86 -18.96 -26.51
C SER C 16 -24.65 -18.54 -25.05
N THR C 17 -25.01 -17.29 -24.74
CA THR C 17 -25.01 -16.78 -23.38
C THR C 17 -26.43 -16.34 -23.03
N LYS C 18 -26.95 -16.84 -21.90
CA LYS C 18 -28.24 -16.40 -21.42
C LYS C 18 -28.11 -16.00 -19.96
N ALA C 19 -28.50 -14.76 -19.67
CA ALA C 19 -28.32 -14.13 -18.37
C ALA C 19 -29.66 -13.88 -17.72
N ILE C 20 -29.70 -13.98 -16.38
CA ILE C 20 -30.86 -13.55 -15.63
C ILE C 20 -30.44 -12.38 -14.75
N TYR C 21 -31.33 -11.38 -14.65
CA TYR C 21 -31.13 -10.19 -13.86
C TYR C 21 -32.27 -10.11 -12.84
N PRO C 22 -32.08 -10.71 -11.65
CA PRO C 22 -33.14 -10.75 -10.64
C PRO C 22 -33.18 -9.50 -9.77
N GLY C 23 -34.36 -9.23 -9.20
CA GLY C 23 -34.61 -8.09 -8.33
C GLY C 23 -36.10 -8.03 -7.98
N THR C 24 -36.51 -7.05 -7.17
CA THR C 24 -37.93 -6.82 -6.92
C THR C 24 -38.49 -5.83 -7.94
N PHE C 25 -37.65 -4.90 -8.41
CA PHE C 25 -38.03 -3.92 -9.42
C PHE C 25 -39.40 -3.32 -9.11
N ASP C 26 -39.48 -2.61 -7.98
CA ASP C 26 -40.74 -2.13 -7.42
C ASP C 26 -40.71 -0.61 -7.23
N PRO C 27 -40.82 0.22 -8.30
CA PRO C 27 -40.83 -0.24 -9.68
C PRO C 27 -39.45 -0.16 -10.33
N ILE C 28 -39.37 -0.58 -11.59
CA ILE C 28 -38.13 -0.46 -12.34
C ILE C 28 -37.80 1.03 -12.53
N THR C 29 -36.49 1.36 -12.51
CA THR C 29 -35.98 2.72 -12.64
C THR C 29 -34.96 2.77 -13.78
N ASN C 30 -34.49 3.99 -14.10
CA ASN C 30 -33.55 4.18 -15.20
C ASN C 30 -32.23 3.50 -14.88
N GLY C 31 -31.97 3.29 -13.58
CA GLY C 31 -30.76 2.60 -13.15
C GLY C 31 -30.78 1.15 -13.61
N HIS C 32 -31.89 0.47 -13.30
CA HIS C 32 -32.13 -0.89 -13.73
C HIS C 32 -32.02 -1.01 -15.24
N ILE C 33 -32.62 -0.03 -15.94
CA ILE C 33 -32.71 -0.02 -17.39
C ILE C 33 -31.31 0.09 -18.00
N ASP C 34 -30.45 0.88 -17.34
CA ASP C 34 -29.06 1.03 -17.74
C ASP C 34 -28.34 -0.31 -17.61
N ILE C 35 -28.52 -0.96 -16.45
CA ILE C 35 -27.84 -2.22 -16.18
C ILE C 35 -28.25 -3.25 -17.24
N ILE C 36 -29.56 -3.41 -17.43
CA ILE C 36 -30.05 -4.46 -18.30
C ILE C 36 -29.69 -4.13 -19.75
N THR C 37 -29.70 -2.84 -20.11
CA THR C 37 -29.25 -2.42 -21.43
C THR C 37 -27.82 -2.93 -21.65
N ARG C 38 -26.94 -2.68 -20.68
CA ARG C 38 -25.54 -3.05 -20.80
C ARG C 38 -25.37 -4.57 -20.86
N ALA C 39 -26.05 -5.28 -19.96
CA ALA C 39 -26.02 -6.74 -19.97
C ALA C 39 -26.46 -7.26 -21.34
N ALA C 40 -27.59 -6.73 -21.81
CA ALA C 40 -28.23 -7.18 -23.04
C ALA C 40 -27.37 -6.89 -24.26
N SER C 41 -26.47 -5.91 -24.15
CA SER C 41 -25.60 -5.59 -25.28
C SER C 41 -24.41 -6.55 -25.36
N MET C 42 -24.17 -7.38 -24.34
CA MET C 42 -23.00 -8.24 -24.37
C MET C 42 -23.36 -9.73 -24.34
N PHE C 43 -24.61 -10.05 -23.98
CA PHE C 43 -25.07 -11.43 -23.98
C PHE C 43 -26.22 -11.61 -24.97
N ASP C 44 -26.43 -12.86 -25.40
CA ASP C 44 -27.40 -13.17 -26.43
C ASP C 44 -28.81 -12.91 -25.91
N ARG C 45 -29.04 -13.21 -24.63
CA ARG C 45 -30.39 -13.19 -24.07
C ARG C 45 -30.29 -12.75 -22.61
N VAL C 46 -31.28 -11.96 -22.17
CA VAL C 46 -31.35 -11.53 -20.78
C VAL C 46 -32.79 -11.64 -20.31
N ILE C 47 -32.97 -12.23 -19.11
CA ILE C 47 -34.25 -12.27 -18.45
C ILE C 47 -34.20 -11.30 -17.28
N LEU C 48 -35.17 -10.38 -17.22
CA LEU C 48 -35.45 -9.65 -16.00
C LEU C 48 -36.29 -10.57 -15.11
N ALA C 49 -35.66 -11.15 -14.08
CA ALA C 49 -36.37 -12.00 -13.15
C ALA C 49 -36.94 -11.16 -12.00
N ILE C 50 -38.27 -10.97 -11.97
CA ILE C 50 -38.92 -10.19 -10.93
C ILE C 50 -39.38 -11.13 -9.82
N ALA C 51 -38.91 -10.87 -8.61
CA ALA C 51 -39.28 -11.66 -7.45
C ALA C 51 -40.77 -11.48 -7.18
N ALA C 52 -41.52 -12.59 -7.19
CA ALA C 52 -42.96 -12.54 -7.02
C ALA C 52 -43.35 -12.08 -5.62
N SER C 53 -42.76 -12.70 -4.60
CA SER C 53 -43.12 -12.39 -3.21
C SER C 53 -41.90 -11.93 -2.40
N PRO C 54 -41.47 -10.65 -2.52
CA PRO C 54 -40.40 -10.15 -1.67
C PRO C 54 -40.95 -10.17 -0.25
N SER C 55 -40.12 -10.58 0.72
CA SER C 55 -40.61 -10.68 2.09
C SER C 55 -41.40 -9.43 2.48
N LYS C 56 -40.90 -8.26 2.06
CA LYS C 56 -41.61 -7.01 2.23
C LYS C 56 -42.62 -6.84 1.10
N LYS C 57 -43.88 -6.63 1.46
CA LYS C 57 -44.95 -6.45 0.50
C LYS C 57 -44.62 -5.27 -0.42
N PRO C 58 -44.60 -5.46 -1.76
CA PRO C 58 -44.29 -4.36 -2.68
C PRO C 58 -45.43 -3.37 -2.91
N MET C 59 -45.06 -2.15 -3.33
CA MET C 59 -46.01 -1.10 -3.70
C MET C 59 -46.82 -1.57 -4.90
N PHE C 60 -46.12 -2.00 -5.95
CA PHE C 60 -46.73 -2.63 -7.11
C PHE C 60 -46.69 -4.14 -6.92
N ASP C 61 -47.78 -4.83 -7.27
CA ASP C 61 -47.82 -6.29 -7.23
C ASP C 61 -47.06 -6.79 -8.45
N LEU C 62 -46.83 -8.12 -8.48
CA LEU C 62 -45.99 -8.74 -9.50
C LEU C 62 -46.48 -8.35 -10.89
N GLU C 63 -47.80 -8.36 -11.11
CA GLU C 63 -48.37 -8.13 -12.43
C GLU C 63 -48.06 -6.71 -12.90
N GLU C 64 -48.26 -5.73 -12.01
CA GLU C 64 -47.98 -4.33 -12.29
C GLU C 64 -46.49 -4.15 -12.57
N ARG C 65 -45.65 -4.76 -11.74
CA ARG C 65 -44.20 -4.69 -11.88
C ARG C 65 -43.77 -5.31 -13.21
N VAL C 66 -44.28 -6.53 -13.50
CA VAL C 66 -43.98 -7.20 -14.75
C VAL C 66 -44.42 -6.33 -15.92
N ALA C 67 -45.61 -5.71 -15.78
CA ALA C 67 -46.20 -4.91 -16.84
C ALA C 67 -45.36 -3.67 -17.12
N LEU C 68 -45.02 -2.93 -16.04
CA LEU C 68 -44.25 -1.71 -16.16
C LEU C 68 -42.92 -2.01 -16.84
N ALA C 69 -42.25 -3.07 -16.41
CA ALA C 69 -40.94 -3.43 -16.91
C ALA C 69 -41.00 -3.80 -18.39
N THR C 70 -42.03 -4.58 -18.76
CA THR C 70 -42.24 -5.03 -20.13
C THR C 70 -42.37 -3.83 -21.06
N THR C 71 -43.22 -2.88 -20.67
CA THR C 71 -43.43 -1.66 -21.43
C THR C 71 -42.12 -0.91 -21.57
N ALA C 72 -41.39 -0.78 -20.45
CA ALA C 72 -40.16 -0.01 -20.38
C ALA C 72 -39.07 -0.60 -21.28
N LEU C 73 -39.10 -1.93 -21.49
CA LEU C 73 -37.97 -2.61 -22.09
C LEU C 73 -38.30 -3.14 -23.48
N GLN C 74 -39.49 -2.79 -24.00
CA GLN C 74 -39.96 -3.27 -25.30
C GLN C 74 -38.89 -3.15 -26.38
N HIS C 75 -38.17 -2.03 -26.32
CA HIS C 75 -37.24 -1.61 -27.36
C HIS C 75 -35.94 -2.43 -27.30
N LEU C 76 -35.80 -3.27 -26.27
CA LEU C 76 -34.64 -4.14 -26.17
C LEU C 76 -35.05 -5.53 -26.65
N PRO C 77 -34.62 -5.92 -27.86
CA PRO C 77 -35.17 -7.10 -28.52
C PRO C 77 -34.89 -8.41 -27.79
N ASN C 78 -33.71 -8.49 -27.15
CA ASN C 78 -33.19 -9.75 -26.64
C ASN C 78 -33.41 -9.86 -25.14
N VAL C 79 -34.40 -9.11 -24.63
CA VAL C 79 -34.71 -9.10 -23.21
C VAL C 79 -36.14 -9.60 -22.99
N GLU C 80 -36.33 -10.34 -21.89
CA GLU C 80 -37.61 -10.94 -21.55
C GLU C 80 -37.87 -10.77 -20.05
N VAL C 81 -39.11 -10.37 -19.70
CA VAL C 81 -39.48 -10.14 -18.31
C VAL C 81 -40.28 -11.34 -17.81
N MET C 82 -39.99 -11.78 -16.57
CA MET C 82 -40.65 -12.90 -15.93
C MET C 82 -40.72 -12.68 -14.42
N GLY C 83 -41.80 -13.16 -13.80
CA GLY C 83 -41.83 -13.38 -12.36
C GLY C 83 -41.18 -14.71 -12.00
N PHE C 84 -40.89 -14.90 -10.71
CA PHE C 84 -40.36 -16.16 -10.21
C PHE C 84 -40.54 -16.16 -8.70
N SER C 85 -40.70 -17.36 -8.11
CA SER C 85 -41.06 -17.49 -6.72
C SER C 85 -40.29 -18.65 -6.10
N ASP C 86 -38.96 -18.64 -6.27
CA ASP C 86 -38.19 -19.85 -6.11
C ASP C 86 -36.79 -19.50 -5.60
N LEU C 87 -35.98 -20.53 -5.36
CA LEU C 87 -34.53 -20.34 -5.34
C LEU C 87 -34.12 -19.75 -6.69
N MET C 88 -33.27 -18.72 -6.62
CA MET C 88 -32.60 -18.18 -7.79
C MET C 88 -31.96 -19.30 -8.60
N ALA C 89 -31.26 -20.21 -7.91
CA ALA C 89 -30.55 -21.30 -8.56
C ALA C 89 -31.50 -22.16 -9.39
N ASN C 90 -32.67 -22.48 -8.82
CA ASN C 90 -33.63 -23.36 -9.47
C ASN C 90 -34.24 -22.70 -10.68
N PHE C 91 -34.62 -21.43 -10.54
CA PHE C 91 -35.22 -20.68 -11.64
C PHE C 91 -34.23 -20.62 -12.81
N ALA C 92 -32.97 -20.31 -12.49
CA ALA C 92 -31.91 -20.20 -13.48
C ALA C 92 -31.74 -21.52 -14.23
N ARG C 93 -31.74 -22.62 -13.48
CA ARG C 93 -31.58 -23.95 -14.06
C ARG C 93 -32.77 -24.22 -14.99
N ALA C 94 -33.99 -23.94 -14.51
CA ALA C 94 -35.20 -24.11 -15.29
C ALA C 94 -35.16 -23.27 -16.56
N GLN C 95 -34.54 -22.09 -16.50
CA GLN C 95 -34.50 -21.15 -17.61
C GLN C 95 -33.27 -21.39 -18.48
N GLN C 96 -32.48 -22.41 -18.11
CA GLN C 96 -31.24 -22.73 -18.79
C GLN C 96 -30.34 -21.51 -18.88
N ALA C 97 -30.26 -20.72 -17.79
CA ALA C 97 -29.37 -19.57 -17.72
C ALA C 97 -27.99 -20.05 -17.25
N ASN C 98 -26.93 -19.48 -17.84
CA ASN C 98 -25.56 -19.73 -17.40
C ASN C 98 -24.93 -18.48 -16.79
N ILE C 99 -25.69 -17.38 -16.69
CA ILE C 99 -25.13 -16.11 -16.22
C ILE C 99 -26.13 -15.40 -15.31
N LEU C 100 -25.60 -14.85 -14.21
CA LEU C 100 -26.37 -14.06 -13.28
C LEU C 100 -25.80 -12.64 -13.25
N ILE C 101 -26.66 -11.67 -13.53
CA ILE C 101 -26.26 -10.27 -13.53
C ILE C 101 -26.58 -9.68 -12.17
N ARG C 102 -25.59 -8.99 -11.59
CA ARG C 102 -25.82 -8.12 -10.45
C ARG C 102 -25.28 -6.74 -10.81
N GLY C 103 -26.08 -5.72 -10.51
CA GLY C 103 -25.60 -4.34 -10.54
C GLY C 103 -25.01 -3.99 -9.18
N LEU C 104 -23.80 -3.43 -9.18
CA LEU C 104 -23.18 -3.01 -7.93
C LEU C 104 -23.23 -1.49 -7.82
N ARG C 105 -24.07 -0.99 -6.93
CA ARG C 105 -24.17 0.43 -6.70
C ARG C 105 -23.23 0.84 -5.58
N ALA C 106 -23.30 0.14 -4.44
CA ALA C 106 -22.54 0.53 -3.26
C ALA C 106 -21.56 -0.57 -2.84
N VAL C 107 -20.59 -0.14 -2.02
CA VAL C 107 -19.63 -0.98 -1.31
C VAL C 107 -20.38 -1.93 -0.38
N ALA C 108 -21.35 -1.38 0.37
CA ALA C 108 -22.10 -2.14 1.36
C ALA C 108 -22.75 -3.36 0.71
N ASP C 109 -23.42 -3.12 -0.43
CA ASP C 109 -24.09 -4.17 -1.19
C ASP C 109 -23.11 -5.27 -1.58
N PHE C 110 -21.88 -4.90 -1.90
CA PHE C 110 -20.95 -5.83 -2.53
C PHE C 110 -20.65 -6.99 -1.58
N GLU C 111 -20.57 -6.72 -0.28
CA GLU C 111 -20.27 -7.78 0.66
C GLU C 111 -21.39 -8.82 0.65
N TYR C 112 -22.64 -8.35 0.74
CA TYR C 112 -23.81 -9.21 0.71
C TYR C 112 -23.90 -9.98 -0.61
N GLU C 113 -23.54 -9.32 -1.71
CA GLU C 113 -23.58 -9.95 -3.04
C GLU C 113 -22.49 -11.01 -3.18
N MET C 114 -21.33 -10.79 -2.54
CA MET C 114 -20.22 -11.73 -2.63
C MET C 114 -20.57 -13.01 -1.86
N GLN C 115 -21.33 -12.83 -0.78
CA GLN C 115 -21.80 -13.93 0.05
C GLN C 115 -22.78 -14.76 -0.78
N LEU C 116 -23.75 -14.08 -1.39
CA LEU C 116 -24.73 -14.71 -2.25
C LEU C 116 -24.08 -15.46 -3.41
N ALA C 117 -23.04 -14.88 -4.01
CA ALA C 117 -22.45 -15.48 -5.20
C ALA C 117 -21.80 -16.81 -4.83
N HIS C 118 -21.10 -16.83 -3.69
CA HIS C 118 -20.45 -18.05 -3.20
C HIS C 118 -21.51 -19.12 -2.95
N MET C 119 -22.65 -18.71 -2.39
CA MET C 119 -23.72 -19.65 -2.07
C MET C 119 -24.37 -20.15 -3.37
N ASN C 120 -24.52 -19.27 -4.37
CA ASN C 120 -25.05 -19.66 -5.67
C ASN C 120 -24.08 -20.62 -6.36
N ARG C 121 -22.77 -20.44 -6.13
CA ARG C 121 -21.78 -21.34 -6.69
C ARG C 121 -21.94 -22.74 -6.09
N HIS C 122 -22.36 -22.79 -4.83
CA HIS C 122 -22.62 -24.04 -4.15
C HIS C 122 -23.90 -24.67 -4.70
N LEU C 123 -24.94 -23.87 -4.91
CA LEU C 123 -26.23 -24.39 -5.34
C LEU C 123 -26.20 -24.75 -6.82
N MET C 124 -25.41 -24.02 -7.61
CA MET C 124 -25.39 -24.18 -9.06
C MET C 124 -24.01 -23.77 -9.57
N PRO C 125 -23.04 -24.70 -9.62
CA PRO C 125 -21.67 -24.38 -10.05
C PRO C 125 -21.55 -23.83 -11.47
N GLU C 126 -22.55 -24.11 -12.33
CA GLU C 126 -22.48 -23.77 -13.74
C GLU C 126 -23.02 -22.35 -13.98
N LEU C 127 -23.53 -21.70 -12.92
CA LEU C 127 -24.01 -20.33 -13.00
C LEU C 127 -22.85 -19.40 -12.65
N GLU C 128 -22.52 -18.51 -13.59
CA GLU C 128 -21.42 -17.57 -13.41
CA GLU C 128 -21.42 -17.57 -13.41
C GLU C 128 -22.02 -16.22 -13.01
N SER C 129 -21.51 -15.64 -11.93
CA SER C 129 -22.02 -14.37 -11.42
C SER C 129 -21.21 -13.25 -12.04
N VAL C 130 -21.90 -12.20 -12.52
CA VAL C 130 -21.25 -11.10 -13.21
C VAL C 130 -21.75 -9.79 -12.60
N PHE C 131 -20.80 -8.87 -12.39
CA PHE C 131 -21.08 -7.62 -11.73
C PHE C 131 -20.84 -6.46 -12.71
N LEU C 132 -21.83 -5.58 -12.77
CA LEU C 132 -21.73 -4.34 -13.53
C LEU C 132 -21.90 -3.14 -12.60
N MET C 133 -21.04 -2.13 -12.75
CA MET C 133 -21.21 -0.87 -12.04
C MET C 133 -22.22 -0.03 -12.79
N PRO C 134 -23.12 0.71 -12.11
CA PRO C 134 -24.09 1.55 -12.79
C PRO C 134 -23.38 2.76 -13.37
N SER C 135 -24.02 3.40 -14.35
CA SER C 135 -23.50 4.65 -14.89
C SER C 135 -23.53 5.70 -13.78
N LYS C 136 -22.63 6.67 -13.92
CA LYS C 136 -22.48 7.79 -13.00
C LYS C 136 -23.83 8.38 -12.59
N GLU C 137 -24.71 8.66 -13.57
CA GLU C 137 -26.00 9.32 -13.34
C GLU C 137 -26.84 8.57 -12.32
N TRP C 138 -26.78 7.25 -12.36
CA TRP C 138 -27.70 6.38 -11.65
C TRP C 138 -27.06 5.80 -10.37
N SER C 139 -25.86 6.24 -10.03
CA SER C 139 -25.04 5.58 -9.02
C SER C 139 -25.52 5.85 -7.60
N PHE C 140 -26.51 6.73 -7.42
CA PHE C 140 -27.06 6.99 -6.10
C PHE C 140 -28.55 6.67 -6.05
N ILE C 141 -29.17 6.41 -7.20
CA ILE C 141 -30.62 6.21 -7.27
C ILE C 141 -30.94 4.73 -7.05
N SER C 142 -32.17 4.48 -6.61
CA SER C 142 -32.67 3.13 -6.39
C SER C 142 -34.19 3.21 -6.39
N SER C 143 -34.86 2.05 -6.41
CA SER C 143 -36.32 2.05 -6.32
C SER C 143 -36.75 2.84 -5.08
N SER C 144 -36.15 2.47 -3.94
CA SER C 144 -36.58 2.98 -2.65
C SER C 144 -36.35 4.48 -2.58
N LEU C 145 -35.26 4.93 -3.20
CA LEU C 145 -34.96 6.34 -3.25
C LEU C 145 -36.10 7.05 -3.96
N VAL C 146 -36.33 6.63 -5.21
CA VAL C 146 -37.23 7.31 -6.11
C VAL C 146 -38.63 7.34 -5.50
N LYS C 147 -39.03 6.26 -4.83
CA LYS C 147 -40.31 6.27 -4.12
C LYS C 147 -40.30 7.34 -3.03
N GLU C 148 -39.21 7.42 -2.26
CA GLU C 148 -39.13 8.31 -1.12
C GLU C 148 -39.24 9.77 -1.57
N VAL C 149 -38.42 10.11 -2.58
CA VAL C 149 -38.43 11.42 -3.21
C VAL C 149 -39.86 11.78 -3.61
N ALA C 150 -40.50 10.89 -4.37
CA ALA C 150 -41.81 11.13 -4.94
C ALA C 150 -42.87 11.21 -3.84
N ARG C 151 -42.68 10.49 -2.73
CA ARG C 151 -43.71 10.41 -1.70
C ARG C 151 -43.96 11.77 -1.06
N HIS C 152 -42.93 12.62 -1.03
CA HIS C 152 -43.06 13.98 -0.55
C HIS C 152 -42.70 14.94 -1.69
N ALA C 153 -43.25 14.66 -2.90
CA ALA C 153 -43.44 15.64 -3.97
C ALA C 153 -42.16 16.05 -4.69
N GLY C 154 -41.15 15.17 -4.73
CA GLY C 154 -39.93 15.46 -5.45
C GLY C 154 -40.05 15.11 -6.94
N ASP C 155 -39.22 15.74 -7.77
CA ASP C 155 -39.23 15.50 -9.21
C ASP C 155 -38.44 14.24 -9.55
N VAL C 156 -39.12 13.24 -10.14
CA VAL C 156 -38.48 11.97 -10.46
C VAL C 156 -38.62 11.67 -11.95
N THR C 157 -38.90 12.69 -12.76
CA THR C 157 -39.10 12.48 -14.19
C THR C 157 -37.83 11.98 -14.84
N HIS C 158 -36.66 12.34 -14.27
CA HIS C 158 -35.39 11.96 -14.85
C HIS C 158 -34.93 10.59 -14.36
N PHE C 159 -35.63 10.04 -13.35
CA PHE C 159 -35.25 8.78 -12.72
C PHE C 159 -36.01 7.59 -13.30
N LEU C 160 -37.20 7.86 -13.87
CA LEU C 160 -38.10 6.82 -14.33
C LEU C 160 -38.41 7.00 -15.80
N PRO C 161 -38.82 5.92 -16.51
CA PRO C 161 -39.45 6.05 -17.82
C PRO C 161 -40.90 6.50 -17.67
N ALA C 162 -41.47 7.02 -18.76
CA ALA C 162 -42.74 7.74 -18.76
C ALA C 162 -43.85 6.89 -18.15
N ASN C 163 -43.91 5.61 -18.55
CA ASN C 163 -44.98 4.71 -18.14
C ASN C 163 -44.93 4.49 -16.63
N VAL C 164 -43.72 4.31 -16.08
CA VAL C 164 -43.54 4.08 -14.66
C VAL C 164 -43.88 5.37 -13.91
N HIS C 165 -43.49 6.50 -14.51
CA HIS C 165 -43.76 7.80 -13.91
C HIS C 165 -45.26 7.94 -13.66
N GLN C 166 -46.05 7.77 -14.72
CA GLN C 166 -47.49 7.98 -14.65
C GLN C 166 -48.12 7.04 -13.61
N ALA C 167 -47.67 5.78 -13.62
CA ALA C 167 -48.23 4.74 -12.77
C ALA C 167 -47.98 5.07 -11.29
N LEU C 168 -46.79 5.60 -11.01
CA LEU C 168 -46.42 5.91 -9.65
C LEU C 168 -47.22 7.12 -9.17
N MET C 169 -47.37 8.12 -10.05
CA MET C 169 -48.18 9.30 -9.75
C MET C 169 -49.57 8.85 -9.31
N GLU C 170 -50.13 7.87 -10.02
CA GLU C 170 -51.47 7.36 -9.74
C GLU C 170 -51.50 6.63 -8.40
N LYS C 171 -50.41 5.96 -8.05
CA LYS C 171 -50.27 5.35 -6.74
C LYS C 171 -50.11 6.46 -5.70
N LEU C 172 -50.72 6.26 -4.52
CA LEU C 172 -50.79 7.27 -3.47
C LEU C 172 -51.39 8.55 -4.03
N LYS C 173 -52.69 8.49 -4.38
CA LYS C 173 -53.39 9.62 -4.99
C LYS C 173 -54.65 9.91 -4.17
N MET D 15 -22.25 -10.55 -34.28
CA MET D 15 -21.73 -9.37 -33.52
C MET D 15 -20.96 -9.89 -32.30
N SER D 16 -19.63 -9.86 -32.41
CA SER D 16 -18.73 -10.48 -31.44
C SER D 16 -18.66 -9.65 -30.16
N THR D 17 -18.20 -10.28 -29.07
CA THR D 17 -17.71 -9.59 -27.89
C THR D 17 -16.21 -9.87 -27.80
N LYS D 18 -15.41 -8.80 -27.65
CA LYS D 18 -13.97 -8.95 -27.51
C LYS D 18 -13.51 -8.25 -26.23
N ALA D 19 -12.78 -8.96 -25.39
CA ALA D 19 -12.53 -8.54 -24.03
C ALA D 19 -11.03 -8.50 -23.75
N ILE D 20 -10.61 -7.51 -22.97
CA ILE D 20 -9.25 -7.46 -22.47
C ILE D 20 -9.26 -7.65 -20.95
N TYR D 21 -8.30 -8.46 -20.49
CA TYR D 21 -8.03 -8.69 -19.08
C TYR D 21 -6.64 -8.15 -18.77
N PRO D 22 -6.51 -6.87 -18.39
CA PRO D 22 -5.20 -6.30 -18.07
C PRO D 22 -4.70 -6.62 -16.65
N GLY D 23 -3.36 -6.62 -16.53
CA GLY D 23 -2.67 -6.83 -15.26
C GLY D 23 -1.18 -6.92 -15.56
N THR D 24 -0.34 -7.03 -14.52
CA THR D 24 1.09 -7.24 -14.74
C THR D 24 1.37 -8.74 -14.88
N PHE D 25 0.52 -9.57 -14.26
CA PHE D 25 0.68 -11.01 -14.29
C PHE D 25 2.17 -11.36 -14.13
N ASP D 26 2.73 -11.01 -12.95
CA ASP D 26 4.15 -11.23 -12.68
C ASP D 26 4.32 -12.10 -11.43
N PRO D 27 4.25 -13.46 -11.56
CA PRO D 27 3.79 -14.12 -12.78
C PRO D 27 2.28 -14.35 -12.73
N ILE D 28 1.75 -15.00 -13.77
CA ILE D 28 0.35 -15.40 -13.75
C ILE D 28 0.19 -16.51 -12.72
N THR D 29 -0.95 -16.46 -12.01
CA THR D 29 -1.28 -17.40 -10.96
C THR D 29 -2.54 -18.15 -11.36
N ASN D 30 -2.88 -19.18 -10.59
CA ASN D 30 -4.10 -19.94 -10.81
C ASN D 30 -5.32 -19.02 -10.62
N GLY D 31 -5.16 -17.92 -9.90
CA GLY D 31 -6.27 -17.00 -9.74
C GLY D 31 -6.59 -16.29 -11.05
N HIS D 32 -5.54 -15.83 -11.72
CA HIS D 32 -5.67 -15.21 -13.02
C HIS D 32 -6.28 -16.21 -14.01
N ILE D 33 -5.76 -17.44 -13.97
CA ILE D 33 -6.16 -18.48 -14.91
C ILE D 33 -7.65 -18.78 -14.74
N ASP D 34 -8.14 -18.76 -13.50
CA ASP D 34 -9.55 -18.98 -13.22
C ASP D 34 -10.39 -17.85 -13.82
N ILE D 35 -9.95 -16.61 -13.60
CA ILE D 35 -10.72 -15.47 -14.06
C ILE D 35 -10.84 -15.51 -15.58
N ILE D 36 -9.73 -15.73 -16.28
CA ILE D 36 -9.73 -15.69 -17.73
C ILE D 36 -10.52 -16.88 -18.28
N THR D 37 -10.52 -18.02 -17.57
CA THR D 37 -11.26 -19.21 -17.99
C THR D 37 -12.76 -18.93 -17.96
N ARG D 38 -13.23 -18.24 -16.91
CA ARG D 38 -14.64 -17.88 -16.83
C ARG D 38 -14.98 -16.78 -17.84
N ALA D 39 -14.06 -15.84 -18.06
CA ALA D 39 -14.28 -14.79 -19.05
C ALA D 39 -14.43 -15.41 -20.44
N ALA D 40 -13.48 -16.30 -20.79
CA ALA D 40 -13.42 -16.93 -22.10
C ALA D 40 -14.61 -17.85 -22.35
N SER D 41 -15.38 -18.16 -21.30
CA SER D 41 -16.54 -19.01 -21.43
C SER D 41 -17.76 -18.18 -21.83
N MET D 42 -17.67 -16.84 -21.70
CA MET D 42 -18.84 -16.02 -21.91
C MET D 42 -18.61 -14.92 -22.95
N PHE D 43 -17.38 -14.79 -23.46
CA PHE D 43 -17.04 -13.76 -24.44
C PHE D 43 -16.33 -14.45 -25.60
N ASP D 44 -16.53 -13.90 -26.79
CA ASP D 44 -16.12 -14.58 -28.00
C ASP D 44 -14.59 -14.66 -28.08
N ARG D 45 -13.95 -13.53 -27.75
CA ARG D 45 -12.48 -13.44 -27.71
C ARG D 45 -12.08 -12.73 -26.41
N VAL D 46 -10.92 -13.12 -25.86
CA VAL D 46 -10.39 -12.53 -24.63
C VAL D 46 -8.89 -12.35 -24.79
N ILE D 47 -8.40 -11.12 -24.53
CA ILE D 47 -6.98 -10.85 -24.52
C ILE D 47 -6.45 -10.74 -23.09
N LEU D 48 -5.39 -11.48 -22.80
CA LEU D 48 -4.60 -11.25 -21.60
C LEU D 48 -3.61 -10.14 -21.89
N ALA D 49 -3.95 -8.92 -21.46
CA ALA D 49 -3.11 -7.75 -21.65
C ALA D 49 -2.15 -7.56 -20.47
N ILE D 50 -0.86 -7.89 -20.71
CA ILE D 50 0.21 -7.80 -19.72
C ILE D 50 0.90 -6.44 -19.81
N ALA D 51 0.77 -5.62 -18.76
CA ALA D 51 1.36 -4.29 -18.73
C ALA D 51 2.89 -4.39 -18.69
N ALA D 52 3.53 -3.71 -19.65
CA ALA D 52 4.96 -3.83 -19.90
C ALA D 52 5.75 -3.03 -18.88
N SER D 53 5.35 -1.76 -18.71
CA SER D 53 6.09 -0.81 -17.90
C SER D 53 5.29 -0.46 -16.66
N PRO D 54 5.16 -1.39 -15.69
CA PRO D 54 4.56 -1.06 -14.40
C PRO D 54 5.54 -0.19 -13.62
N SER D 55 5.00 0.65 -12.74
CA SER D 55 5.79 1.63 -12.02
C SER D 55 6.80 0.96 -11.10
N LYS D 56 6.43 -0.20 -10.52
CA LYS D 56 7.40 -0.99 -9.76
C LYS D 56 7.89 -2.13 -10.65
N LYS D 57 9.22 -2.29 -10.71
CA LYS D 57 9.85 -3.21 -11.64
C LYS D 57 9.41 -4.64 -11.36
N PRO D 58 9.02 -5.42 -12.39
CA PRO D 58 8.63 -6.82 -12.19
C PRO D 58 9.77 -7.80 -11.96
N MET D 59 9.46 -8.93 -11.33
CA MET D 59 10.42 -10.01 -11.16
C MET D 59 10.76 -10.59 -12.53
N PHE D 60 9.73 -10.79 -13.35
CA PHE D 60 9.88 -11.31 -14.70
C PHE D 60 9.72 -10.16 -15.70
N ASP D 61 10.56 -10.17 -16.76
CA ASP D 61 10.41 -9.18 -17.82
C ASP D 61 9.23 -9.58 -18.69
N LEU D 62 8.77 -8.65 -19.53
CA LEU D 62 7.55 -8.83 -20.29
C LEU D 62 7.64 -10.06 -21.19
N GLU D 63 8.84 -10.38 -21.66
CA GLU D 63 9.03 -11.52 -22.57
C GLU D 63 8.71 -12.79 -21.80
N GLU D 64 9.31 -12.92 -20.61
CA GLU D 64 9.09 -14.03 -19.70
C GLU D 64 7.61 -14.13 -19.31
N ARG D 65 6.97 -12.98 -19.07
CA ARG D 65 5.60 -12.94 -18.59
C ARG D 65 4.64 -13.42 -19.69
N VAL D 66 4.75 -12.82 -20.88
CA VAL D 66 3.93 -13.17 -22.03
C VAL D 66 4.14 -14.65 -22.35
N ALA D 67 5.39 -15.12 -22.26
CA ALA D 67 5.74 -16.50 -22.59
C ALA D 67 5.09 -17.49 -21.63
N LEU D 68 5.18 -17.21 -20.32
CA LEU D 68 4.67 -18.10 -19.28
C LEU D 68 3.15 -18.14 -19.36
N ALA D 69 2.54 -16.97 -19.58
CA ALA D 69 1.10 -16.84 -19.71
C ALA D 69 0.59 -17.59 -20.94
N THR D 70 1.34 -17.53 -22.04
CA THR D 70 0.99 -18.22 -23.27
C THR D 70 0.96 -19.73 -23.01
N THR D 71 2.06 -20.25 -22.43
CA THR D 71 2.13 -21.66 -22.05
C THR D 71 0.91 -22.02 -21.20
N ALA D 72 0.62 -21.18 -20.20
CA ALA D 72 -0.33 -21.53 -19.16
C ALA D 72 -1.76 -21.48 -19.70
N LEU D 73 -1.98 -20.72 -20.77
CA LEU D 73 -3.32 -20.56 -21.33
C LEU D 73 -3.47 -21.27 -22.68
N GLN D 74 -2.48 -22.08 -23.09
CA GLN D 74 -2.51 -22.75 -24.40
C GLN D 74 -3.85 -23.44 -24.68
N HIS D 75 -4.39 -24.11 -23.65
CA HIS D 75 -5.58 -24.94 -23.73
C HIS D 75 -6.88 -24.14 -23.88
N LEU D 76 -6.81 -22.81 -23.92
CA LEU D 76 -8.00 -21.99 -24.08
C LEU D 76 -8.01 -21.47 -25.51
N PRO D 77 -8.99 -21.91 -26.36
CA PRO D 77 -8.96 -21.60 -27.79
C PRO D 77 -9.17 -20.14 -28.16
N ASN D 78 -9.95 -19.40 -27.36
CA ASN D 78 -10.33 -18.03 -27.70
C ASN D 78 -9.56 -17.01 -26.86
N VAL D 79 -8.32 -17.36 -26.48
CA VAL D 79 -7.52 -16.49 -25.63
C VAL D 79 -6.19 -16.23 -26.30
N GLU D 80 -5.85 -14.93 -26.37
CA GLU D 80 -4.57 -14.46 -26.88
C GLU D 80 -3.87 -13.66 -25.77
N VAL D 81 -2.55 -13.85 -25.66
CA VAL D 81 -1.71 -13.15 -24.68
C VAL D 81 -0.87 -12.09 -25.39
N MET D 82 -1.01 -10.82 -24.97
CA MET D 82 -0.24 -9.72 -25.52
C MET D 82 0.31 -8.81 -24.42
N GLY D 83 1.45 -8.18 -24.71
CA GLY D 83 1.99 -7.10 -23.88
C GLY D 83 1.50 -5.73 -24.36
N PHE D 84 1.67 -4.70 -23.53
CA PHE D 84 1.23 -3.36 -23.87
C PHE D 84 1.81 -2.34 -22.88
N SER D 85 2.22 -1.18 -23.43
CA SER D 85 2.77 -0.08 -22.64
C SER D 85 2.04 1.21 -23.02
N ASP D 86 0.78 1.32 -22.61
CA ASP D 86 -0.13 2.35 -23.09
C ASP D 86 -1.25 2.54 -22.08
N LEU D 87 -1.93 3.69 -22.15
CA LEU D 87 -3.13 3.92 -21.37
C LEU D 87 -4.10 2.76 -21.64
N MET D 88 -4.85 2.39 -20.61
CA MET D 88 -6.03 1.58 -20.81
C MET D 88 -6.97 2.37 -21.71
N ALA D 89 -7.92 1.68 -22.34
CA ALA D 89 -8.92 2.31 -23.19
C ALA D 89 -8.29 2.83 -24.48
N ASN D 90 -6.99 2.62 -24.67
CA ASN D 90 -6.30 2.99 -25.90
C ASN D 90 -5.71 1.73 -26.52
N PHE D 91 -5.17 0.85 -25.69
CA PHE D 91 -4.85 -0.50 -26.12
C PHE D 91 -6.16 -1.22 -26.46
N ALA D 92 -7.19 -1.02 -25.64
CA ALA D 92 -8.52 -1.53 -25.89
C ALA D 92 -9.02 -1.11 -27.29
N ARG D 93 -8.93 0.20 -27.59
CA ARG D 93 -9.32 0.73 -28.90
C ARG D 93 -8.53 0.04 -30.00
N ALA D 94 -7.21 -0.01 -29.82
CA ALA D 94 -6.31 -0.53 -30.83
C ALA D 94 -6.61 -1.98 -31.14
N GLN D 95 -7.15 -2.73 -30.17
CA GLN D 95 -7.40 -4.16 -30.34
C GLN D 95 -8.88 -4.43 -30.57
N GLN D 96 -9.68 -3.37 -30.74
CA GLN D 96 -11.08 -3.51 -31.12
C GLN D 96 -11.89 -4.22 -30.03
N ALA D 97 -11.50 -4.02 -28.76
CA ALA D 97 -12.22 -4.58 -27.63
C ALA D 97 -13.35 -3.66 -27.19
N ASN D 98 -14.40 -4.27 -26.66
CA ASN D 98 -15.58 -3.57 -26.18
C ASN D 98 -15.86 -3.93 -24.72
N ILE D 99 -15.03 -4.82 -24.15
CA ILE D 99 -15.22 -5.25 -22.77
C ILE D 99 -13.89 -5.31 -22.03
N LEU D 100 -13.94 -4.82 -20.77
CA LEU D 100 -12.79 -4.84 -19.87
C LEU D 100 -13.10 -5.70 -18.65
N ILE D 101 -12.28 -6.75 -18.46
CA ILE D 101 -12.42 -7.69 -17.36
C ILE D 101 -11.62 -7.18 -16.17
N ARG D 102 -12.28 -7.06 -15.01
CA ARG D 102 -11.60 -6.71 -13.76
C ARG D 102 -11.91 -7.77 -12.71
N GLY D 103 -10.84 -8.30 -12.09
CA GLY D 103 -10.97 -9.17 -10.93
C GLY D 103 -11.38 -8.34 -9.72
N LEU D 104 -12.29 -8.88 -8.90
CA LEU D 104 -12.86 -8.12 -7.80
C LEU D 104 -12.90 -9.00 -6.56
N ARG D 105 -11.82 -8.89 -5.77
CA ARG D 105 -11.55 -9.81 -4.66
C ARG D 105 -12.16 -9.35 -3.34
N ALA D 106 -12.29 -8.03 -3.12
CA ALA D 106 -12.59 -7.50 -1.80
C ALA D 106 -13.49 -6.27 -1.87
N VAL D 107 -14.24 -6.03 -0.79
CA VAL D 107 -15.03 -4.81 -0.58
C VAL D 107 -14.12 -3.58 -0.61
N ALA D 108 -12.87 -3.73 -0.17
CA ALA D 108 -11.93 -2.62 -0.07
C ALA D 108 -11.55 -2.11 -1.46
N ASP D 109 -11.43 -3.01 -2.43
CA ASP D 109 -10.97 -2.68 -3.77
C ASP D 109 -12.05 -1.94 -4.55
N PHE D 110 -13.31 -2.10 -4.11
CA PHE D 110 -14.48 -1.75 -4.89
C PHE D 110 -14.46 -0.28 -5.26
N GLU D 111 -14.15 0.59 -4.28
CA GLU D 111 -14.19 2.02 -4.48
C GLU D 111 -13.25 2.41 -5.63
N TYR D 112 -12.02 1.87 -5.58
CA TYR D 112 -11.01 2.25 -6.55
C TYR D 112 -11.40 1.69 -7.91
N GLU D 113 -12.06 0.52 -7.92
CA GLU D 113 -12.46 -0.10 -9.17
C GLU D 113 -13.60 0.69 -9.82
N MET D 114 -14.49 1.24 -9.00
CA MET D 114 -15.61 2.03 -9.51
C MET D 114 -15.08 3.33 -10.11
N GLN D 115 -14.04 3.88 -9.48
CA GLN D 115 -13.46 5.14 -9.89
C GLN D 115 -12.78 4.95 -11.25
N LEU D 116 -11.93 3.91 -11.35
CA LEU D 116 -11.26 3.55 -12.59
C LEU D 116 -12.29 3.31 -13.70
N ALA D 117 -13.45 2.75 -13.33
CA ALA D 117 -14.50 2.43 -14.29
C ALA D 117 -15.12 3.71 -14.84
N HIS D 118 -15.39 4.68 -13.96
CA HIS D 118 -15.90 5.98 -14.39
C HIS D 118 -14.87 6.67 -15.29
N MET D 119 -13.57 6.59 -14.95
CA MET D 119 -12.51 7.14 -15.77
C MET D 119 -12.52 6.46 -17.14
N ASN D 120 -12.46 5.12 -17.15
CA ASN D 120 -12.37 4.36 -18.40
C ASN D 120 -13.64 4.56 -19.24
N ARG D 121 -14.77 4.91 -18.60
CA ARG D 121 -16.02 5.17 -19.32
C ARG D 121 -15.95 6.55 -19.97
N HIS D 122 -15.29 7.52 -19.33
CA HIS D 122 -15.12 8.85 -19.89
C HIS D 122 -14.18 8.80 -21.09
N LEU D 123 -13.12 8.01 -20.98
CA LEU D 123 -12.15 7.87 -22.06
C LEU D 123 -12.75 7.11 -23.24
N MET D 124 -13.55 6.07 -22.96
CA MET D 124 -13.97 5.10 -23.97
C MET D 124 -15.37 4.59 -23.62
N PRO D 125 -16.44 5.36 -23.93
CA PRO D 125 -17.77 5.00 -23.46
C PRO D 125 -18.33 3.73 -24.09
N GLU D 126 -17.62 3.19 -25.09
CA GLU D 126 -18.06 1.96 -25.75
C GLU D 126 -17.48 0.75 -25.02
N LEU D 127 -16.52 1.01 -24.12
CA LEU D 127 -15.91 -0.03 -23.30
C LEU D 127 -16.76 -0.21 -22.05
N GLU D 128 -17.18 -1.45 -21.81
CA GLU D 128 -17.92 -1.80 -20.60
C GLU D 128 -16.98 -2.58 -19.69
N SER D 129 -16.93 -2.15 -18.43
CA SER D 129 -16.18 -2.83 -17.39
C SER D 129 -17.02 -3.96 -16.81
N VAL D 130 -16.44 -5.16 -16.81
CA VAL D 130 -17.15 -6.33 -16.29
C VAL D 130 -16.32 -6.90 -15.14
N PHE D 131 -17.00 -7.20 -14.03
CA PHE D 131 -16.33 -7.59 -12.79
C PHE D 131 -16.66 -9.02 -12.43
N LEU D 132 -15.60 -9.82 -12.28
CA LEU D 132 -15.68 -11.22 -11.88
C LEU D 132 -15.02 -11.39 -10.52
N MET D 133 -15.72 -12.13 -9.66
CA MET D 133 -15.24 -12.55 -8.36
C MET D 133 -14.37 -13.78 -8.54
N PRO D 134 -13.14 -13.84 -7.96
CA PRO D 134 -12.31 -15.04 -8.11
C PRO D 134 -12.97 -16.20 -7.37
N SER D 135 -12.50 -17.43 -7.63
CA SER D 135 -12.97 -18.59 -6.90
C SER D 135 -12.55 -18.46 -5.44
N LYS D 136 -13.31 -19.10 -4.54
CA LYS D 136 -13.01 -19.06 -3.12
C LYS D 136 -11.60 -19.62 -2.85
N GLU D 137 -11.20 -20.60 -3.66
CA GLU D 137 -9.89 -21.24 -3.61
C GLU D 137 -8.74 -20.24 -3.79
N TRP D 138 -8.94 -19.20 -4.62
CA TRP D 138 -7.87 -18.30 -5.03
C TRP D 138 -8.04 -16.89 -4.45
N SER D 139 -8.98 -16.74 -3.52
CA SER D 139 -9.42 -15.44 -3.07
C SER D 139 -8.36 -14.73 -2.21
N PHE D 140 -7.39 -15.46 -1.67
CA PHE D 140 -6.43 -14.85 -0.76
C PHE D 140 -5.06 -14.74 -1.42
N ILE D 141 -4.91 -15.22 -2.66
CA ILE D 141 -3.60 -15.19 -3.28
C ILE D 141 -3.49 -13.98 -4.21
N SER D 142 -2.23 -13.64 -4.48
CA SER D 142 -1.88 -12.65 -5.47
C SER D 142 -0.48 -12.98 -5.96
N SER D 143 -0.05 -12.31 -7.03
CA SER D 143 1.29 -12.51 -7.54
C SER D 143 2.30 -12.08 -6.47
N SER D 144 2.03 -10.95 -5.82
CA SER D 144 2.90 -10.42 -4.78
C SER D 144 3.09 -11.46 -3.69
N LEU D 145 1.97 -11.92 -3.13
CA LEU D 145 1.99 -12.80 -1.97
C LEU D 145 2.72 -14.10 -2.31
N VAL D 146 2.45 -14.63 -3.51
CA VAL D 146 3.04 -15.89 -3.92
C VAL D 146 4.56 -15.75 -4.00
N LYS D 147 5.04 -14.60 -4.52
CA LYS D 147 6.46 -14.34 -4.64
C LYS D 147 7.10 -14.14 -3.27
N GLU D 148 6.47 -13.31 -2.43
CA GLU D 148 6.99 -13.09 -1.09
C GLU D 148 7.12 -14.45 -0.40
N VAL D 149 6.07 -15.27 -0.48
CA VAL D 149 6.10 -16.53 0.22
C VAL D 149 7.26 -17.37 -0.28
N ALA D 150 7.40 -17.43 -1.62
CA ALA D 150 8.38 -18.29 -2.28
C ALA D 150 9.80 -17.79 -2.02
N ARG D 151 9.96 -16.47 -1.89
CA ARG D 151 11.25 -15.86 -1.60
C ARG D 151 11.81 -16.36 -0.28
N HIS D 152 10.93 -16.79 0.63
CA HIS D 152 11.33 -17.39 1.90
C HIS D 152 11.04 -18.89 1.93
N ALA D 153 10.96 -19.52 0.74
CA ALA D 153 10.87 -20.97 0.60
C ALA D 153 9.55 -21.55 1.13
N GLY D 154 8.52 -20.72 1.30
CA GLY D 154 7.19 -21.24 1.57
C GLY D 154 6.64 -22.00 0.35
N ASP D 155 5.65 -22.85 0.59
CA ASP D 155 5.11 -23.75 -0.43
C ASP D 155 3.98 -23.07 -1.20
N VAL D 156 4.18 -22.90 -2.51
CA VAL D 156 3.25 -22.17 -3.36
C VAL D 156 2.84 -23.04 -4.55
N THR D 157 2.99 -24.36 -4.40
CA THR D 157 2.80 -25.27 -5.52
C THR D 157 1.33 -25.29 -5.91
N HIS D 158 0.46 -25.02 -4.93
CA HIS D 158 -0.98 -25.08 -5.15
C HIS D 158 -1.49 -23.85 -5.92
N PHE D 159 -0.68 -22.80 -6.05
CA PHE D 159 -1.18 -21.52 -6.52
C PHE D 159 -0.70 -21.17 -7.93
N LEU D 160 0.14 -22.02 -8.55
CA LEU D 160 0.73 -21.73 -9.85
C LEU D 160 0.57 -22.94 -10.77
N PRO D 161 0.51 -22.76 -12.11
CA PRO D 161 0.74 -23.87 -13.03
C PRO D 161 2.22 -24.25 -13.00
N ALA D 162 2.54 -25.50 -13.34
CA ALA D 162 3.88 -26.07 -13.18
C ALA D 162 4.95 -25.28 -13.93
N ASN D 163 4.62 -24.74 -15.11
CA ASN D 163 5.56 -23.94 -15.88
C ASN D 163 5.94 -22.65 -15.12
N VAL D 164 4.97 -22.01 -14.48
CA VAL D 164 5.24 -20.79 -13.73
C VAL D 164 6.05 -21.14 -12.47
N HIS D 165 5.70 -22.27 -11.84
CA HIS D 165 6.37 -22.69 -10.62
C HIS D 165 7.85 -22.93 -10.92
N GLN D 166 8.13 -23.69 -11.98
CA GLN D 166 9.50 -23.97 -12.39
C GLN D 166 10.27 -22.67 -12.56
N ALA D 167 9.71 -21.75 -13.35
CA ALA D 167 10.37 -20.47 -13.59
C ALA D 167 10.68 -19.77 -12.27
N LEU D 168 9.71 -19.76 -11.35
CA LEU D 168 9.85 -19.03 -10.11
C LEU D 168 10.99 -19.59 -9.27
N MET D 169 11.06 -20.92 -9.17
CA MET D 169 12.11 -21.62 -8.44
C MET D 169 13.49 -21.26 -8.99
N GLU D 170 13.59 -21.14 -10.33
CA GLU D 170 14.85 -20.81 -10.99
C GLU D 170 15.21 -19.34 -10.80
N LYS D 171 14.21 -18.46 -10.71
CA LYS D 171 14.45 -17.03 -10.50
C LYS D 171 15.05 -16.77 -9.12
N LEU D 172 14.78 -17.64 -8.15
CA LEU D 172 15.27 -17.47 -6.79
C LEU D 172 16.52 -18.33 -6.57
N LYS D 173 16.84 -19.17 -7.56
CA LYS D 173 18.17 -19.72 -7.76
C LYS D 173 18.48 -20.79 -6.70
N MET E 15 15.40 13.92 -14.46
CA MET E 15 14.72 14.43 -13.24
C MET E 15 14.93 13.47 -12.06
N SER E 16 15.02 12.15 -12.33
CA SER E 16 15.30 11.16 -11.29
C SER E 16 16.79 11.04 -11.02
N THR E 17 17.20 11.36 -9.79
CA THR E 17 18.61 11.50 -9.45
C THR E 17 19.02 10.48 -8.39
N LYS E 18 20.19 9.89 -8.63
CA LYS E 18 20.79 8.94 -7.71
C LYS E 18 22.24 9.36 -7.52
N ALA E 19 22.59 9.73 -6.29
CA ALA E 19 23.88 10.27 -5.97
C ALA E 19 24.65 9.26 -5.14
N ILE E 20 25.98 9.31 -5.29
CA ILE E 20 26.90 8.55 -4.47
C ILE E 20 27.75 9.53 -3.69
N TYR E 21 27.88 9.27 -2.39
CA TYR E 21 28.78 10.03 -1.53
C TYR E 21 29.88 9.10 -1.05
N PRO E 22 31.05 9.08 -1.70
CA PRO E 22 32.09 8.13 -1.32
C PRO E 22 33.05 8.69 -0.27
N GLY E 23 33.62 7.77 0.51
CA GLY E 23 34.63 8.12 1.48
C GLY E 23 35.15 6.84 2.14
N THR E 24 36.01 7.04 3.16
CA THR E 24 36.53 5.98 3.98
C THR E 24 35.71 5.93 5.27
N PHE E 25 35.17 7.08 5.70
CA PHE E 25 34.22 7.12 6.80
C PHE E 25 34.72 6.23 7.94
N ASP E 26 35.86 6.61 8.53
CA ASP E 26 36.51 5.86 9.59
C ASP E 26 36.77 6.73 10.81
N PRO E 27 35.77 7.00 11.68
CA PRO E 27 34.38 6.70 11.39
C PRO E 27 33.59 7.89 10.86
N ILE E 28 32.31 7.65 10.53
CA ILE E 28 31.38 8.68 10.11
C ILE E 28 31.22 9.71 11.23
N THR E 29 31.22 10.99 10.86
CA THR E 29 31.14 12.05 11.85
C THR E 29 29.91 12.88 11.57
N ASN E 30 29.67 13.84 12.47
CA ASN E 30 28.55 14.75 12.34
C ASN E 30 28.72 15.55 11.05
N GLY E 31 29.97 15.65 10.55
CA GLY E 31 30.25 16.41 9.35
C GLY E 31 29.74 15.66 8.12
N HIS E 32 30.09 14.38 8.05
CA HIS E 32 29.54 13.48 7.06
C HIS E 32 28.01 13.49 7.11
N ILE E 33 27.45 13.48 8.32
CA ILE E 33 26.01 13.35 8.45
C ILE E 33 25.28 14.57 7.89
N ASP E 34 25.90 15.73 8.10
CA ASP E 34 25.34 16.98 7.62
C ASP E 34 25.32 17.02 6.08
N ILE E 35 26.46 16.71 5.45
CA ILE E 35 26.56 16.65 4.01
C ILE E 35 25.46 15.75 3.45
N ILE E 36 25.37 14.52 3.99
CA ILE E 36 24.55 13.53 3.31
C ILE E 36 23.08 13.84 3.58
N THR E 37 22.78 14.44 4.75
CA THR E 37 21.42 14.91 5.06
C THR E 37 21.00 15.98 4.04
N ARG E 38 21.92 16.90 3.75
CA ARG E 38 21.69 17.93 2.75
C ARG E 38 21.50 17.31 1.36
N ALA E 39 22.41 16.42 0.96
CA ALA E 39 22.33 15.84 -0.37
C ALA E 39 21.05 15.04 -0.54
N ALA E 40 20.59 14.39 0.54
CA ALA E 40 19.38 13.57 0.53
C ALA E 40 18.10 14.42 0.40
N SER E 41 18.15 15.73 0.69
CA SER E 41 16.98 16.58 0.46
C SER E 41 16.95 17.04 -0.99
N MET E 42 18.07 16.88 -1.70
CA MET E 42 18.21 17.36 -3.06
C MET E 42 17.97 16.25 -4.05
N PHE E 43 18.45 15.04 -3.76
CA PHE E 43 18.48 13.95 -4.74
C PHE E 43 17.58 12.83 -4.26
N ASP E 44 16.98 12.06 -5.20
CA ASP E 44 15.96 11.10 -4.84
C ASP E 44 16.54 9.99 -3.97
N ARG E 45 17.74 9.50 -4.33
CA ARG E 45 18.42 8.48 -3.55
C ARG E 45 19.90 8.82 -3.40
N VAL E 46 20.43 8.53 -2.21
CA VAL E 46 21.84 8.73 -1.95
C VAL E 46 22.41 7.43 -1.36
N ILE E 47 23.51 6.97 -1.96
CA ILE E 47 24.34 5.92 -1.41
C ILE E 47 25.57 6.53 -0.75
N LEU E 48 25.73 6.27 0.54
CA LEU E 48 27.01 6.46 1.19
C LEU E 48 27.91 5.31 0.78
N ALA E 49 28.94 5.59 -0.03
CA ALA E 49 29.80 4.54 -0.55
C ALA E 49 31.07 4.46 0.28
N ILE E 50 31.27 3.34 0.99
CA ILE E 50 32.40 3.21 1.90
C ILE E 50 33.51 2.39 1.26
N ALA E 51 34.69 3.02 1.09
CA ALA E 51 35.85 2.38 0.52
C ALA E 51 36.24 1.13 1.33
N ALA E 52 36.24 -0.02 0.65
CA ALA E 52 36.59 -1.30 1.28
C ALA E 52 38.04 -1.28 1.76
N SER E 53 38.95 -1.00 0.82
CA SER E 53 40.38 -1.18 0.98
C SER E 53 41.11 0.16 0.84
N PRO E 54 40.96 1.12 1.78
CA PRO E 54 41.69 2.38 1.70
C PRO E 54 43.19 2.10 1.77
N SER E 55 44.00 2.95 1.12
CA SER E 55 45.43 2.71 0.98
C SER E 55 46.12 2.76 2.35
N LYS E 56 45.58 3.58 3.28
CA LYS E 56 45.99 3.55 4.67
C LYS E 56 45.00 2.70 5.48
N LYS E 57 45.52 1.77 6.29
CA LYS E 57 44.72 0.75 6.95
C LYS E 57 43.90 1.36 8.08
N PRO E 58 42.55 1.25 8.06
CA PRO E 58 41.69 2.02 8.97
C PRO E 58 41.59 1.49 10.40
N MET E 59 41.07 2.34 11.29
CA MET E 59 40.77 1.93 12.65
C MET E 59 39.64 0.89 12.63
N PHE E 60 38.54 1.25 11.97
CA PHE E 60 37.39 0.38 11.86
C PHE E 60 37.47 -0.37 10.54
N ASP E 61 37.11 -1.66 10.55
CA ASP E 61 37.05 -2.39 9.29
C ASP E 61 35.76 -2.01 8.55
N LEU E 62 35.66 -2.48 7.31
CA LEU E 62 34.57 -2.09 6.44
C LEU E 62 33.25 -2.42 7.10
N GLU E 63 33.18 -3.64 7.65
CA GLU E 63 31.97 -4.13 8.26
C GLU E 63 31.54 -3.14 9.33
N GLU E 64 32.52 -2.75 10.15
CA GLU E 64 32.28 -1.85 11.27
C GLU E 64 31.90 -0.47 10.75
N ARG E 65 32.62 0.02 9.73
CA ARG E 65 32.33 1.34 9.21
C ARG E 65 30.91 1.32 8.64
N VAL E 66 30.56 0.26 7.91
CA VAL E 66 29.24 0.18 7.28
C VAL E 66 28.15 0.15 8.35
N ALA E 67 28.36 -0.61 9.42
CA ALA E 67 27.34 -0.82 10.44
C ALA E 67 27.13 0.46 11.23
N LEU E 68 28.23 1.13 11.56
CA LEU E 68 28.15 2.40 12.29
C LEU E 68 27.40 3.43 11.45
N ALA E 69 27.70 3.48 10.15
CA ALA E 69 27.08 4.47 9.28
C ALA E 69 25.62 4.13 9.05
N THR E 70 25.31 2.83 8.86
CA THR E 70 23.93 2.40 8.67
C THR E 70 23.06 2.96 9.80
N THR E 71 23.47 2.75 11.05
CA THR E 71 22.66 3.21 12.19
C THR E 71 22.60 4.73 12.23
N ALA E 72 23.74 5.37 11.96
CA ALA E 72 23.84 6.82 12.07
C ALA E 72 22.91 7.53 11.08
N LEU E 73 22.56 6.85 9.99
CA LEU E 73 21.74 7.44 8.92
C LEU E 73 20.43 6.70 8.74
N GLN E 74 20.08 5.86 9.74
CA GLN E 74 18.92 5.01 9.64
C GLN E 74 17.66 5.85 9.42
N HIS E 75 17.63 7.03 10.05
CA HIS E 75 16.47 7.93 10.03
C HIS E 75 16.25 8.62 8.68
N LEU E 76 17.16 8.45 7.71
CA LEU E 76 17.04 9.11 6.42
C LEU E 76 16.44 8.12 5.43
N PRO E 77 15.18 8.33 5.00
CA PRO E 77 14.45 7.28 4.31
C PRO E 77 15.06 6.91 2.97
N ASN E 78 15.75 7.84 2.32
CA ASN E 78 16.17 7.65 0.95
C ASN E 78 17.68 7.47 0.87
N VAL E 79 18.29 7.02 1.97
CA VAL E 79 19.71 6.78 1.99
C VAL E 79 20.01 5.31 2.27
N GLU E 80 21.11 4.85 1.66
CA GLU E 80 21.58 3.49 1.75
C GLU E 80 23.10 3.52 1.92
N VAL E 81 23.64 2.58 2.68
CA VAL E 81 25.06 2.52 2.95
C VAL E 81 25.60 1.23 2.35
N MET E 82 26.72 1.31 1.62
CA MET E 82 27.37 0.13 1.08
C MET E 82 28.89 0.30 1.11
N GLY E 83 29.59 -0.84 1.15
CA GLY E 83 31.02 -0.88 0.88
C GLY E 83 31.27 -1.02 -0.63
N PHE E 84 32.41 -0.52 -1.11
CA PHE E 84 32.79 -0.73 -2.51
C PHE E 84 34.32 -0.88 -2.61
N SER E 85 34.76 -1.61 -3.63
CA SER E 85 36.16 -2.00 -3.72
C SER E 85 36.69 -1.88 -5.16
N ASP E 86 35.99 -1.18 -6.02
CA ASP E 86 36.41 -1.10 -7.41
C ASP E 86 36.47 0.37 -7.83
N LEU E 87 36.58 0.59 -9.13
CA LEU E 87 36.59 1.92 -9.70
C LEU E 87 35.24 2.58 -9.41
N MET E 88 35.28 3.79 -8.87
CA MET E 88 34.07 4.57 -8.67
C MET E 88 33.24 4.64 -9.95
N ALA E 89 33.86 4.78 -11.11
CA ALA E 89 33.11 4.79 -12.35
C ALA E 89 32.29 3.50 -12.47
N ASN E 90 32.90 2.35 -12.16
CA ASN E 90 32.21 1.06 -12.33
C ASN E 90 31.12 0.88 -11.28
N PHE E 91 31.40 1.28 -10.04
CA PHE E 91 30.43 1.20 -8.96
C PHE E 91 29.20 2.04 -9.33
N ALA E 92 29.46 3.28 -9.76
CA ALA E 92 28.39 4.22 -10.11
C ALA E 92 27.56 3.68 -11.26
N ARG E 93 28.22 3.11 -12.26
CA ARG E 93 27.50 2.51 -13.38
C ARG E 93 26.69 1.31 -12.87
N ALA E 94 27.32 0.47 -12.02
CA ALA E 94 26.65 -0.70 -11.46
C ALA E 94 25.38 -0.30 -10.72
N GLN E 95 25.40 0.83 -10.00
CA GLN E 95 24.28 1.24 -9.17
C GLN E 95 23.37 2.20 -9.94
N GLN E 96 23.69 2.47 -11.20
CA GLN E 96 22.93 3.37 -12.05
C GLN E 96 22.87 4.76 -11.41
N ALA E 97 24.01 5.25 -10.92
CA ALA E 97 24.04 6.57 -10.31
C ALA E 97 24.60 7.57 -11.31
N ASN E 98 24.06 8.78 -11.27
CA ASN E 98 24.41 9.83 -12.20
C ASN E 98 25.07 11.01 -11.48
N ILE E 99 25.21 10.94 -10.14
CA ILE E 99 25.77 12.04 -9.38
C ILE E 99 26.79 11.53 -8.35
N LEU E 100 27.91 12.22 -8.26
CA LEU E 100 28.86 11.98 -7.18
C LEU E 100 28.94 13.23 -6.30
N ILE E 101 28.71 13.05 -4.99
CA ILE E 101 28.75 14.08 -3.98
C ILE E 101 30.11 14.03 -3.30
N ARG E 102 30.74 15.18 -3.14
CA ARG E 102 31.96 15.30 -2.37
C ARG E 102 31.80 16.52 -1.48
N GLY E 103 32.30 16.39 -0.24
CA GLY E 103 32.43 17.53 0.66
C GLY E 103 33.74 18.25 0.36
N LEU E 104 33.72 19.57 0.46
CA LEU E 104 34.92 20.37 0.27
C LEU E 104 35.12 21.24 1.50
N ARG E 105 36.07 20.84 2.35
CA ARG E 105 36.36 21.51 3.61
C ARG E 105 37.53 22.48 3.43
N ALA E 106 38.60 22.01 2.81
CA ALA E 106 39.86 22.74 2.73
C ALA E 106 40.25 23.04 1.29
N VAL E 107 41.09 24.07 1.12
CA VAL E 107 41.67 24.47 -0.15
C VAL E 107 42.54 23.35 -0.72
N ALA E 108 43.26 22.64 0.15
CA ALA E 108 44.14 21.57 -0.28
C ALA E 108 43.34 20.43 -0.91
N ASP E 109 42.15 20.17 -0.36
CA ASP E 109 41.29 19.09 -0.83
C ASP E 109 40.68 19.46 -2.18
N PHE E 110 40.48 20.75 -2.42
CA PHE E 110 39.82 21.24 -3.62
C PHE E 110 40.66 20.88 -4.86
N GLU E 111 41.95 21.23 -4.82
CA GLU E 111 42.88 20.95 -5.90
C GLU E 111 42.78 19.49 -6.33
N TYR E 112 42.83 18.61 -5.32
CA TYR E 112 42.85 17.18 -5.51
C TYR E 112 41.51 16.68 -6.06
N GLU E 113 40.40 17.25 -5.57
CA GLU E 113 39.09 16.77 -5.98
C GLU E 113 38.82 17.21 -7.43
N MET E 114 39.33 18.38 -7.84
CA MET E 114 39.20 18.80 -9.24
C MET E 114 39.94 17.86 -10.17
N GLN E 115 41.13 17.39 -9.76
CA GLN E 115 41.92 16.43 -10.54
C GLN E 115 41.10 15.15 -10.76
N LEU E 116 40.55 14.60 -9.65
CA LEU E 116 39.76 13.37 -9.67
C LEU E 116 38.47 13.55 -10.49
N ALA E 117 37.87 14.75 -10.44
CA ALA E 117 36.65 15.05 -11.15
C ALA E 117 36.91 15.07 -12.66
N HIS E 118 38.07 15.57 -13.09
CA HIS E 118 38.43 15.55 -14.50
C HIS E 118 38.63 14.10 -14.96
N MET E 119 39.27 13.29 -14.11
CA MET E 119 39.57 11.92 -14.46
C MET E 119 38.25 11.12 -14.55
N ASN E 120 37.35 11.35 -13.59
CA ASN E 120 36.06 10.66 -13.59
C ASN E 120 35.25 11.07 -14.80
N ARG E 121 35.37 12.34 -15.23
CA ARG E 121 34.69 12.82 -16.42
C ARG E 121 35.16 12.06 -17.66
N HIS E 122 36.45 11.69 -17.69
CA HIS E 122 37.04 10.87 -18.74
C HIS E 122 36.54 9.43 -18.69
N LEU E 123 36.46 8.86 -17.48
CA LEU E 123 36.09 7.46 -17.28
C LEU E 123 34.59 7.26 -17.42
N MET E 124 33.78 8.29 -17.11
CA MET E 124 32.34 8.18 -17.10
C MET E 124 31.75 9.56 -17.31
N PRO E 125 31.54 10.00 -18.58
CA PRO E 125 31.02 11.33 -18.87
C PRO E 125 29.67 11.65 -18.26
N GLU E 126 28.83 10.62 -18.08
CA GLU E 126 27.47 10.82 -17.57
C GLU E 126 27.43 10.93 -16.04
N LEU E 127 28.59 10.87 -15.36
CA LEU E 127 28.62 11.14 -13.92
C LEU E 127 28.93 12.62 -13.68
N GLU E 128 28.02 13.30 -12.99
CA GLU E 128 28.21 14.70 -12.62
CA GLU E 128 28.26 14.70 -12.64
C GLU E 128 28.73 14.73 -11.20
N SER E 129 29.85 15.44 -10.99
CA SER E 129 30.39 15.66 -9.66
C SER E 129 29.80 16.96 -9.12
N VAL E 130 29.46 16.95 -7.82
CA VAL E 130 28.88 18.10 -7.15
C VAL E 130 29.56 18.24 -5.80
N PHE E 131 29.76 19.48 -5.38
CA PHE E 131 30.53 19.76 -4.19
C PHE E 131 29.68 20.59 -3.24
N LEU E 132 29.68 20.19 -1.98
CA LEU E 132 28.98 20.89 -0.93
C LEU E 132 30.03 21.30 0.10
N MET E 133 29.80 22.44 0.73
CA MET E 133 30.72 22.90 1.75
C MET E 133 30.15 22.49 3.10
N PRO E 134 30.99 22.11 4.07
CA PRO E 134 30.43 21.66 5.34
C PRO E 134 29.91 22.90 6.04
N SER E 135 28.84 22.74 6.83
N SER E 135 28.86 22.73 6.85
CA SER E 135 28.38 23.78 7.74
CA SER E 135 28.41 23.75 7.77
C SER E 135 29.56 24.26 8.59
C SER E 135 29.61 24.27 8.56
N LYS E 136 29.51 25.53 9.01
CA LYS E 136 30.56 26.13 9.81
C LYS E 136 30.80 25.31 11.08
N GLU E 137 29.73 24.77 11.69
CA GLU E 137 29.86 23.93 12.87
C GLU E 137 30.87 22.80 12.65
N TRP E 138 30.87 22.19 11.44
CA TRP E 138 31.66 21.00 11.17
C TRP E 138 32.94 21.31 10.39
N SER E 139 33.25 22.60 10.25
CA SER E 139 34.24 23.04 9.28
C SER E 139 35.65 22.60 9.66
N PHE E 140 35.94 22.25 10.91
CA PHE E 140 37.32 21.93 11.25
C PHE E 140 37.47 20.43 11.51
N ILE E 141 36.35 19.73 11.72
CA ILE E 141 36.42 18.34 12.14
C ILE E 141 36.68 17.46 10.91
N SER E 142 37.41 16.38 11.17
CA SER E 142 37.53 15.27 10.25
C SER E 142 37.54 13.97 11.05
N SER E 143 37.44 12.84 10.36
CA SER E 143 37.56 11.56 11.02
C SER E 143 38.87 11.49 11.77
N SER E 144 39.96 11.78 11.05
CA SER E 144 41.33 11.74 11.58
C SER E 144 41.47 12.56 12.85
N LEU E 145 40.83 13.72 12.87
CA LEU E 145 41.06 14.65 13.96
C LEU E 145 40.32 14.16 15.20
N VAL E 146 39.04 13.80 15.01
CA VAL E 146 38.21 13.32 16.10
C VAL E 146 38.90 12.17 16.80
N LYS E 147 39.57 11.30 16.02
CA LYS E 147 40.26 10.14 16.56
C LYS E 147 41.38 10.59 17.50
N GLU E 148 42.31 11.42 17.00
CA GLU E 148 43.49 11.82 17.76
C GLU E 148 43.06 12.50 19.06
N VAL E 149 42.10 13.42 18.99
CA VAL E 149 41.52 14.02 20.19
C VAL E 149 41.17 12.97 21.25
N ALA E 150 40.38 11.97 20.84
CA ALA E 150 39.80 11.00 21.74
C ALA E 150 40.85 10.02 22.23
N ARG E 151 41.85 9.70 21.39
CA ARG E 151 42.94 8.82 21.78
C ARG E 151 43.61 9.34 23.05
N HIS E 152 43.67 10.67 23.17
CA HIS E 152 44.19 11.33 24.34
C HIS E 152 43.06 12.13 25.01
N ALA E 153 41.93 11.44 25.18
CA ALA E 153 40.96 11.71 26.23
C ALA E 153 40.18 13.02 26.05
N GLY E 154 40.34 13.71 24.91
CA GLY E 154 39.49 14.88 24.65
C GLY E 154 38.03 14.47 24.45
N ASP E 155 37.10 15.35 24.84
CA ASP E 155 35.68 15.13 24.61
C ASP E 155 35.36 15.24 23.12
N VAL E 156 34.74 14.19 22.56
CA VAL E 156 34.31 14.21 21.17
C VAL E 156 32.83 13.90 21.07
N THR E 157 32.05 14.15 22.14
CA THR E 157 30.64 13.79 22.18
C THR E 157 29.82 14.69 21.26
N HIS E 158 30.34 15.88 20.93
CA HIS E 158 29.59 16.83 20.12
C HIS E 158 29.91 16.65 18.63
N PHE E 159 30.88 15.78 18.31
CA PHE E 159 31.38 15.59 16.96
C PHE E 159 30.83 14.28 16.37
N LEU E 160 30.21 13.45 17.21
CA LEU E 160 29.82 12.11 16.79
C LEU E 160 28.41 11.83 17.26
N PRO E 161 27.68 10.96 16.54
CA PRO E 161 26.42 10.43 17.05
C PRO E 161 26.72 9.41 18.16
N ALA E 162 25.72 9.16 19.00
CA ALA E 162 25.90 8.33 20.18
C ALA E 162 26.50 6.99 19.81
N ASN E 163 25.94 6.31 18.81
CA ASN E 163 26.34 4.96 18.48
C ASN E 163 27.81 4.92 18.09
N VAL E 164 28.29 5.96 17.39
CA VAL E 164 29.66 5.99 16.87
C VAL E 164 30.62 6.32 18.01
N HIS E 165 30.20 7.26 18.86
CA HIS E 165 30.96 7.63 20.04
C HIS E 165 31.28 6.40 20.90
N GLN E 166 30.24 5.62 21.22
CA GLN E 166 30.38 4.44 22.06
C GLN E 166 31.38 3.46 21.45
N ALA E 167 31.26 3.21 20.14
CA ALA E 167 32.14 2.26 19.50
C ALA E 167 33.58 2.76 19.54
N LEU E 168 33.76 4.08 19.48
CA LEU E 168 35.09 4.66 19.47
C LEU E 168 35.73 4.49 20.85
N MET E 169 34.97 4.90 21.86
CA MET E 169 35.34 4.70 23.26
C MET E 169 35.75 3.24 23.48
N GLU E 170 34.97 2.30 22.93
CA GLU E 170 35.26 0.88 23.11
C GLU E 170 36.57 0.48 22.41
N LYS E 171 36.81 1.00 21.20
CA LYS E 171 38.04 0.69 20.50
C LYS E 171 39.25 1.16 21.30
N LEU E 172 39.06 2.14 22.19
CA LEU E 172 40.18 2.75 22.88
C LEU E 172 40.40 2.15 24.28
N LYS E 173 39.57 1.18 24.70
CA LYS E 173 39.88 0.39 25.88
C LYS E 173 40.54 -0.92 25.43
N MET F 1 -2.01 13.24 4.14
CA MET F 1 -1.35 13.65 5.42
C MET F 1 -1.48 15.16 5.65
N ALA F 2 -1.95 15.90 4.65
CA ALA F 2 -1.94 17.36 4.65
C ALA F 2 -2.70 17.94 5.84
N SER F 3 -3.70 17.19 6.36
CA SER F 3 -4.51 17.60 7.49
C SER F 3 -3.68 17.65 8.78
N MET F 4 -2.57 16.92 8.80
CA MET F 4 -1.70 16.84 9.97
C MET F 4 -0.44 17.68 9.78
N THR F 5 0.13 17.70 8.58
CA THR F 5 1.41 18.38 8.39
C THR F 5 1.56 18.80 6.93
N GLY F 6 2.23 19.96 6.74
CA GLY F 6 2.62 20.43 5.42
C GLY F 6 4.00 19.92 5.02
N GLY F 7 4.75 19.43 6.01
CA GLY F 7 6.02 18.75 5.78
C GLY F 7 7.21 19.70 5.80
N GLN F 8 8.30 19.29 6.48
CA GLN F 8 9.54 20.02 6.46
C GLN F 8 10.47 19.44 5.38
N GLN F 9 11.60 20.15 5.18
CA GLN F 9 12.50 19.97 4.06
C GLN F 9 13.40 18.76 4.27
N MET F 10 13.94 18.62 5.50
CA MET F 10 15.07 17.74 5.78
C MET F 10 14.60 16.45 6.46
N GLY F 11 15.29 15.34 6.13
CA GLY F 11 15.12 14.06 6.79
C GLY F 11 13.95 13.25 6.23
N ARG F 12 13.35 13.72 5.14
CA ARG F 12 12.07 13.20 4.67
C ARG F 12 12.13 12.87 3.18
N GLY F 13 13.35 12.68 2.64
CA GLY F 13 13.52 12.30 1.26
C GLY F 13 13.67 13.53 0.36
N SER F 14 13.51 13.29 -0.96
CA SER F 14 13.75 14.28 -1.99
C SER F 14 12.57 15.26 -2.10
N MET F 15 12.89 16.55 -2.13
CA MET F 15 11.89 17.60 -2.32
C MET F 15 12.10 18.24 -3.70
N SER F 16 11.12 19.04 -4.11
CA SER F 16 11.22 19.87 -5.30
C SER F 16 12.47 20.73 -5.18
N THR F 17 13.21 20.92 -6.28
CA THR F 17 14.39 21.76 -6.25
C THR F 17 14.22 22.91 -7.24
N LYS F 18 14.51 24.12 -6.76
CA LYS F 18 14.53 25.28 -7.65
C LYS F 18 15.84 26.03 -7.43
N ALA F 19 16.67 26.01 -8.48
CA ALA F 19 18.02 26.55 -8.42
C ALA F 19 18.05 27.96 -9.00
N ILE F 20 18.89 28.83 -8.42
CA ILE F 20 19.31 30.05 -9.08
C ILE F 20 20.81 29.97 -9.38
N TYR F 21 21.18 30.44 -10.58
CA TYR F 21 22.56 30.62 -11.01
C TYR F 21 22.84 32.09 -11.29
N PRO F 22 23.24 32.87 -10.27
CA PRO F 22 23.57 34.28 -10.43
C PRO F 22 24.93 34.61 -11.05
N GLY F 23 24.97 35.77 -11.72
CA GLY F 23 26.19 36.31 -12.29
C GLY F 23 25.89 37.56 -13.10
N THR F 24 26.92 38.08 -13.77
CA THR F 24 26.77 39.23 -14.65
C THR F 24 26.59 38.80 -16.11
N PHE F 25 27.21 37.67 -16.51
CA PHE F 25 27.01 37.06 -17.83
C PHE F 25 27.06 38.14 -18.91
N ASP F 26 28.24 38.78 -18.98
CA ASP F 26 28.48 39.97 -19.78
C ASP F 26 29.63 39.70 -20.75
N PRO F 27 29.45 38.87 -21.79
CA PRO F 27 28.24 38.09 -22.01
C PRO F 27 28.38 36.62 -21.60
N ILE F 28 27.28 35.87 -21.72
CA ILE F 28 27.27 34.46 -21.38
C ILE F 28 28.29 33.73 -22.28
N THR F 29 29.06 32.80 -21.71
CA THR F 29 30.06 32.04 -22.45
C THR F 29 29.64 30.58 -22.49
N ASN F 30 30.39 29.80 -23.25
CA ASN F 30 30.25 28.36 -23.28
C ASN F 30 30.49 27.76 -21.90
N GLY F 31 31.28 28.42 -21.06
CA GLY F 31 31.49 27.97 -19.69
C GLY F 31 30.22 28.09 -18.85
N HIS F 32 29.53 29.22 -19.00
CA HIS F 32 28.27 29.46 -18.31
C HIS F 32 27.22 28.43 -18.74
N ILE F 33 27.19 28.12 -20.04
CA ILE F 33 26.20 27.25 -20.64
C ILE F 33 26.41 25.81 -20.20
N ASP F 34 27.67 25.40 -20.07
CA ASP F 34 27.99 24.08 -19.55
C ASP F 34 27.54 23.97 -18.09
N ILE F 35 27.80 24.97 -17.26
CA ILE F 35 27.43 24.91 -15.85
C ILE F 35 25.92 24.77 -15.72
N ILE F 36 25.18 25.61 -16.44
CA ILE F 36 23.74 25.63 -16.26
C ILE F 36 23.10 24.40 -16.92
N THR F 37 23.76 23.83 -17.95
CA THR F 37 23.26 22.61 -18.56
C THR F 37 23.38 21.45 -17.57
N ARG F 38 24.51 21.40 -16.87
CA ARG F 38 24.76 20.38 -15.86
C ARG F 38 23.78 20.56 -14.69
N ALA F 39 23.55 21.80 -14.24
CA ALA F 39 22.65 22.05 -13.14
C ALA F 39 21.22 21.62 -13.48
N ALA F 40 20.77 22.00 -14.68
CA ALA F 40 19.41 21.71 -15.13
C ALA F 40 19.17 20.22 -15.31
N SER F 41 20.24 19.43 -15.43
CA SER F 41 20.15 17.99 -15.50
C SER F 41 19.81 17.38 -14.13
N MET F 42 20.07 18.09 -13.01
CA MET F 42 19.98 17.44 -11.70
C MET F 42 19.03 18.15 -10.73
N PHE F 43 18.50 19.31 -11.13
CA PHE F 43 17.52 20.06 -10.37
C PHE F 43 16.31 20.31 -11.27
N ASP F 44 15.15 20.52 -10.63
CA ASP F 44 13.86 20.53 -11.33
C ASP F 44 13.79 21.77 -12.21
N ARG F 45 14.17 22.92 -11.64
CA ARG F 45 14.16 24.20 -12.32
C ARG F 45 15.43 24.98 -12.00
N VAL F 46 15.92 25.70 -13.02
CA VAL F 46 17.05 26.59 -12.87
C VAL F 46 16.68 27.98 -13.41
N ILE F 47 16.97 29.02 -12.63
CA ILE F 47 16.87 30.39 -13.08
C ILE F 47 18.28 30.95 -13.27
N LEU F 48 18.61 31.30 -14.52
CA LEU F 48 19.80 32.10 -14.78
C LEU F 48 19.48 33.52 -14.35
N ALA F 49 20.12 33.97 -13.27
CA ALA F 49 19.85 35.27 -12.69
C ALA F 49 20.97 36.25 -13.06
N ILE F 50 20.62 37.32 -13.79
CA ILE F 50 21.60 38.27 -14.31
C ILE F 50 21.56 39.57 -13.51
N ALA F 51 22.69 39.99 -12.96
CA ALA F 51 22.73 41.18 -12.12
C ALA F 51 22.50 42.44 -12.94
N ALA F 52 21.49 43.23 -12.56
CA ALA F 52 21.09 44.42 -13.31
C ALA F 52 22.16 45.51 -13.28
N SER F 53 22.82 45.72 -12.12
CA SER F 53 23.68 46.89 -11.94
C SER F 53 24.97 46.49 -11.25
N PRO F 54 25.83 45.71 -11.92
CA PRO F 54 27.13 45.34 -11.35
C PRO F 54 28.01 46.56 -11.10
N SER F 55 29.00 46.38 -10.21
CA SER F 55 29.84 47.46 -9.75
C SER F 55 30.61 48.06 -10.92
N LYS F 56 31.19 47.18 -11.74
CA LYS F 56 31.86 47.57 -12.97
C LYS F 56 30.85 47.62 -14.12
N LYS F 57 30.85 48.72 -14.90
CA LYS F 57 29.88 48.92 -15.96
C LYS F 57 30.02 47.82 -17.02
N PRO F 58 28.95 47.05 -17.34
CA PRO F 58 29.09 45.95 -18.30
C PRO F 58 29.09 46.42 -19.75
N MET F 59 29.69 45.62 -20.63
CA MET F 59 29.76 45.95 -22.04
C MET F 59 28.38 45.83 -22.68
N PHE F 60 27.61 44.83 -22.21
CA PHE F 60 26.22 44.56 -22.59
C PHE F 60 25.27 45.01 -21.49
N ASP F 61 24.17 45.71 -21.85
CA ASP F 61 23.20 46.15 -20.86
C ASP F 61 22.31 44.98 -20.45
N LEU F 62 21.47 45.19 -19.43
CA LEU F 62 20.68 44.11 -18.86
C LEU F 62 19.82 43.43 -19.92
N GLU F 63 19.14 44.21 -20.77
CA GLU F 63 18.25 43.67 -21.77
C GLU F 63 19.05 42.84 -22.77
N GLU F 64 20.25 43.31 -23.10
CA GLU F 64 21.08 42.60 -24.07
C GLU F 64 21.57 41.31 -23.45
N ARG F 65 21.99 41.36 -22.19
CA ARG F 65 22.47 40.16 -21.51
C ARG F 65 21.35 39.11 -21.39
N VAL F 66 20.14 39.54 -20.98
CA VAL F 66 18.99 38.65 -20.87
C VAL F 66 18.65 38.04 -22.23
N ALA F 67 18.71 38.82 -23.30
CA ALA F 67 18.23 38.34 -24.58
C ALA F 67 19.21 37.35 -25.19
N LEU F 68 20.50 37.61 -25.03
CA LEU F 68 21.53 36.71 -25.54
C LEU F 68 21.47 35.35 -24.85
N ALA F 69 21.36 35.35 -23.51
CA ALA F 69 21.29 34.13 -22.72
C ALA F 69 20.01 33.35 -23.01
N THR F 70 18.88 34.07 -23.12
CA THR F 70 17.59 33.46 -23.44
C THR F 70 17.72 32.66 -24.74
N THR F 71 18.32 33.24 -25.80
CA THR F 71 18.51 32.53 -27.06
C THR F 71 19.42 31.32 -26.88
N ALA F 72 20.53 31.50 -26.13
CA ALA F 72 21.54 30.45 -26.02
C ALA F 72 21.05 29.26 -25.17
N LEU F 73 19.99 29.49 -24.37
CA LEU F 73 19.54 28.52 -23.39
C LEU F 73 18.16 27.96 -23.70
N GLN F 74 17.63 28.31 -24.87
CA GLN F 74 16.24 28.06 -25.19
C GLN F 74 16.00 26.56 -25.40
N HIS F 75 17.07 25.79 -25.61
CA HIS F 75 16.98 24.34 -25.78
C HIS F 75 16.90 23.58 -24.46
N LEU F 76 16.90 24.29 -23.33
CA LEU F 76 16.78 23.68 -22.02
C LEU F 76 15.40 24.03 -21.48
N PRO F 77 14.46 23.06 -21.43
CA PRO F 77 13.08 23.35 -21.05
C PRO F 77 12.81 23.77 -19.60
N ASN F 78 13.72 23.45 -18.68
CA ASN F 78 13.54 23.79 -17.27
C ASN F 78 14.43 24.96 -16.83
N VAL F 79 14.97 25.72 -17.78
CA VAL F 79 15.80 26.87 -17.45
C VAL F 79 15.01 28.12 -17.82
N GLU F 80 15.09 29.13 -16.95
CA GLU F 80 14.50 30.44 -17.20
C GLU F 80 15.57 31.50 -16.91
N VAL F 81 15.53 32.62 -17.65
CA VAL F 81 16.49 33.71 -17.53
C VAL F 81 15.78 34.95 -16.99
N MET F 82 16.32 35.59 -15.94
CA MET F 82 15.79 36.87 -15.51
C MET F 82 16.87 37.75 -14.88
N GLY F 83 16.65 39.07 -14.94
CA GLY F 83 17.51 40.02 -14.28
C GLY F 83 17.07 40.19 -12.84
N PHE F 84 17.96 40.69 -11.98
CA PHE F 84 17.69 40.93 -10.58
C PHE F 84 18.61 42.05 -10.09
N SER F 85 18.23 42.68 -8.98
CA SER F 85 18.95 43.82 -8.45
C SER F 85 18.93 43.79 -6.93
N ASP F 86 19.30 42.65 -6.34
CA ASP F 86 19.41 42.54 -4.89
C ASP F 86 20.52 41.53 -4.58
N LEU F 87 20.73 41.23 -3.30
CA LEU F 87 21.56 40.09 -2.94
C LEU F 87 20.92 38.86 -3.58
N MET F 88 21.75 37.97 -4.12
CA MET F 88 21.29 36.69 -4.62
C MET F 88 20.41 35.99 -3.59
N ALA F 89 20.62 36.29 -2.29
CA ALA F 89 19.89 35.62 -1.23
C ALA F 89 18.45 36.11 -1.20
N ASN F 90 18.29 37.43 -1.28
CA ASN F 90 17.00 38.08 -1.27
C ASN F 90 16.21 37.75 -2.52
N PHE F 91 16.89 37.74 -3.67
CA PHE F 91 16.28 37.29 -4.91
C PHE F 91 15.88 35.82 -4.79
N ALA F 92 16.81 34.98 -4.32
CA ALA F 92 16.52 33.58 -4.05
C ALA F 92 15.24 33.43 -3.23
N ARG F 93 15.12 34.22 -2.15
CA ARG F 93 13.95 34.20 -1.29
C ARG F 93 12.71 34.61 -2.07
N ALA F 94 12.77 35.74 -2.77
CA ALA F 94 11.62 36.25 -3.50
C ALA F 94 11.12 35.21 -4.50
N GLN F 95 12.04 34.39 -5.01
CA GLN F 95 11.77 33.45 -6.07
C GLN F 95 11.49 32.04 -5.54
N GLN F 96 11.63 31.85 -4.22
CA GLN F 96 11.35 30.58 -3.59
C GLN F 96 12.34 29.52 -4.07
N ALA F 97 13.61 29.93 -4.24
CA ALA F 97 14.66 29.01 -4.64
C ALA F 97 15.25 28.36 -3.39
N ASN F 98 15.57 27.08 -3.49
CA ASN F 98 16.20 26.36 -2.39
C ASN F 98 17.63 25.93 -2.77
N ILE F 99 18.05 26.19 -4.01
CA ILE F 99 19.41 25.91 -4.45
C ILE F 99 20.07 27.16 -5.02
N LEU F 100 21.34 27.36 -4.66
CA LEU F 100 22.21 28.36 -5.26
C LEU F 100 23.39 27.67 -5.94
N ILE F 101 23.45 27.74 -7.27
CA ILE F 101 24.56 27.22 -8.06
C ILE F 101 25.70 28.22 -8.05
N ARG F 102 26.92 27.72 -7.81
CA ARG F 102 28.14 28.50 -7.91
C ARG F 102 29.15 27.70 -8.72
N GLY F 103 29.73 28.37 -9.73
CA GLY F 103 30.82 27.79 -10.51
C GLY F 103 32.12 27.93 -9.75
N LEU F 104 32.92 26.85 -9.73
CA LEU F 104 34.16 26.84 -8.98
C LEU F 104 35.31 26.59 -9.94
N ARG F 105 35.94 27.69 -10.39
CA ARG F 105 36.98 27.68 -11.41
C ARG F 105 38.37 27.58 -10.80
N ALA F 106 38.72 28.53 -9.93
CA ALA F 106 40.07 28.68 -9.41
C ALA F 106 40.11 28.33 -7.92
N VAL F 107 41.25 27.82 -7.47
CA VAL F 107 41.47 27.50 -6.05
C VAL F 107 41.67 28.82 -5.27
N ALA F 108 42.00 29.89 -6.00
CA ALA F 108 42.12 31.22 -5.43
C ALA F 108 40.75 31.76 -4.99
N ASP F 109 39.67 31.24 -5.58
CA ASP F 109 38.32 31.71 -5.30
C ASP F 109 37.67 30.88 -4.18
N PHE F 110 38.28 29.75 -3.83
CA PHE F 110 37.63 28.79 -2.93
C PHE F 110 37.30 29.47 -1.61
N GLU F 111 38.27 30.26 -1.09
CA GLU F 111 38.09 30.99 0.16
C GLU F 111 36.86 31.87 0.08
N TYR F 112 36.78 32.68 -0.99
CA TYR F 112 35.75 33.70 -1.10
C TYR F 112 34.39 33.01 -1.18
N GLU F 113 34.36 31.86 -1.87
CA GLU F 113 33.13 31.11 -2.06
C GLU F 113 32.66 30.53 -0.72
N MET F 114 33.60 30.06 0.11
CA MET F 114 33.23 29.48 1.38
C MET F 114 32.61 30.57 2.27
N GLN F 115 33.25 31.76 2.28
CA GLN F 115 32.79 32.88 3.07
C GLN F 115 31.38 33.28 2.65
N LEU F 116 31.14 33.39 1.34
CA LEU F 116 29.86 33.79 0.79
C LEU F 116 28.78 32.79 1.18
N ALA F 117 29.12 31.51 1.16
CA ALA F 117 28.21 30.44 1.49
C ALA F 117 27.83 30.50 2.97
N HIS F 118 28.79 30.89 3.82
CA HIS F 118 28.53 31.05 5.24
C HIS F 118 27.58 32.22 5.44
N MET F 119 27.83 33.33 4.72
CA MET F 119 27.00 34.52 4.85
C MET F 119 25.59 34.24 4.34
N ASN F 120 25.48 33.54 3.21
CA ASN F 120 24.21 33.26 2.57
C ASN F 120 23.40 32.28 3.44
N ARG F 121 24.08 31.34 4.09
CA ARG F 121 23.44 30.42 5.03
C ARG F 121 22.94 31.20 6.23
N HIS F 122 23.71 32.19 6.68
CA HIS F 122 23.25 33.09 7.73
C HIS F 122 22.00 33.85 7.26
N LEU F 123 22.00 34.41 6.05
CA LEU F 123 20.87 35.22 5.60
C LEU F 123 19.67 34.32 5.33
N MET F 124 19.87 33.21 4.63
CA MET F 124 18.76 32.39 4.19
C MET F 124 19.13 30.92 4.41
N PRO F 125 18.92 30.38 5.63
CA PRO F 125 19.39 29.03 5.97
C PRO F 125 18.83 27.92 5.09
N GLU F 126 17.66 28.15 4.50
CA GLU F 126 17.00 27.14 3.69
C GLU F 126 17.56 27.13 2.26
N LEU F 127 18.49 28.04 1.93
CA LEU F 127 19.12 28.06 0.62
C LEU F 127 20.42 27.26 0.67
N GLU F 128 20.49 26.17 -0.11
CA GLU F 128 21.67 25.30 -0.12
CA GLU F 128 21.68 25.31 -0.11
C GLU F 128 22.59 25.74 -1.26
N SER F 129 23.86 26.01 -0.96
CA SER F 129 24.79 26.34 -2.01
C SER F 129 25.38 25.06 -2.56
N VAL F 130 25.46 24.96 -3.89
CA VAL F 130 25.94 23.78 -4.58
C VAL F 130 27.01 24.21 -5.60
N PHE F 131 28.13 23.49 -5.65
CA PHE F 131 29.31 23.95 -6.36
C PHE F 131 29.64 22.94 -7.47
N LEU F 132 29.78 23.47 -8.69
CA LEU F 132 30.10 22.69 -9.87
C LEU F 132 31.42 23.20 -10.44
N MET F 133 32.29 22.24 -10.80
CA MET F 133 33.51 22.58 -11.50
C MET F 133 33.22 22.72 -12.98
N PRO F 134 33.89 23.67 -13.66
CA PRO F 134 33.68 23.85 -15.08
C PRO F 134 34.43 22.74 -15.80
N SER F 135 33.94 22.38 -17.00
N SER F 135 33.95 22.39 -16.99
CA SER F 135 34.62 21.45 -17.89
CA SER F 135 34.62 21.42 -17.84
C SER F 135 36.04 21.94 -18.16
C SER F 135 36.01 21.93 -18.21
N LYS F 136 36.94 21.00 -18.41
CA LYS F 136 38.33 21.28 -18.71
C LYS F 136 38.43 22.27 -19.87
N GLU F 137 37.60 22.00 -20.88
CA GLU F 137 37.41 22.84 -22.04
C GLU F 137 37.30 24.33 -21.70
N TRP F 138 36.57 24.68 -20.63
CA TRP F 138 36.18 26.05 -20.34
C TRP F 138 36.89 26.60 -19.11
N SER F 139 37.85 25.85 -18.56
CA SER F 139 38.42 26.14 -17.25
C SER F 139 39.21 27.44 -17.24
N PHE F 140 39.77 27.85 -18.38
CA PHE F 140 40.56 29.07 -18.36
C PHE F 140 39.78 30.28 -18.91
N ILE F 141 38.54 30.09 -19.38
CA ILE F 141 37.85 31.23 -19.96
C ILE F 141 37.00 31.94 -18.90
N SER F 142 36.75 33.20 -19.21
CA SER F 142 35.82 34.06 -18.51
C SER F 142 35.33 35.11 -19.52
N SER F 143 34.18 35.72 -19.22
CA SER F 143 33.64 36.80 -20.01
C SER F 143 34.72 37.84 -20.21
N SER F 144 35.31 38.30 -19.09
CA SER F 144 36.37 39.30 -19.11
C SER F 144 37.51 38.97 -20.07
N LEU F 145 38.06 37.75 -19.98
CA LEU F 145 39.16 37.38 -20.83
C LEU F 145 38.75 37.35 -22.30
N VAL F 146 37.59 36.77 -22.59
CA VAL F 146 37.10 36.68 -23.96
C VAL F 146 36.90 38.08 -24.58
N LYS F 147 36.35 39.03 -23.81
CA LYS F 147 36.15 40.38 -24.29
C LYS F 147 37.49 40.99 -24.69
N GLU F 148 38.51 40.82 -23.84
CA GLU F 148 39.81 41.41 -24.06
C GLU F 148 40.52 40.78 -25.25
N VAL F 149 40.44 39.46 -25.37
CA VAL F 149 41.00 38.84 -26.56
C VAL F 149 40.27 39.39 -27.79
N ALA F 150 38.93 39.43 -27.76
CA ALA F 150 38.13 39.83 -28.91
C ALA F 150 38.46 41.25 -29.40
N ARG F 151 38.74 42.14 -28.46
CA ARG F 151 38.96 43.54 -28.73
C ARG F 151 40.19 43.73 -29.63
N HIS F 152 41.20 42.89 -29.44
CA HIS F 152 42.45 42.94 -30.18
C HIS F 152 42.45 41.83 -31.21
N ALA F 153 41.25 41.39 -31.62
CA ALA F 153 41.06 40.62 -32.83
C ALA F 153 41.46 39.15 -32.69
N GLY F 154 41.73 38.66 -31.46
CA GLY F 154 41.94 37.23 -31.25
C GLY F 154 40.69 36.40 -31.55
N ASP F 155 40.87 35.14 -31.99
CA ASP F 155 39.75 34.27 -32.31
C ASP F 155 39.11 33.69 -31.04
N VAL F 156 37.82 34.00 -30.84
CA VAL F 156 37.09 33.56 -29.65
C VAL F 156 35.80 32.84 -30.05
N THR F 157 35.73 32.34 -31.28
CA THR F 157 34.52 31.70 -31.79
C THR F 157 34.27 30.39 -31.04
N HIS F 158 35.34 29.75 -30.55
CA HIS F 158 35.26 28.46 -29.87
C HIS F 158 34.67 28.60 -28.46
N PHE F 159 34.62 29.84 -27.92
CA PHE F 159 34.30 30.09 -26.53
C PHE F 159 32.87 30.61 -26.34
N LEU F 160 32.24 31.10 -27.42
CA LEU F 160 30.92 31.74 -27.33
C LEU F 160 29.95 31.02 -28.24
N PRO F 161 28.63 30.99 -27.94
CA PRO F 161 27.63 30.62 -28.93
C PRO F 161 27.59 31.70 -30.02
N ALA F 162 27.10 31.28 -31.20
CA ALA F 162 27.12 32.08 -32.41
C ALA F 162 26.44 33.43 -32.20
N ASN F 163 25.26 33.43 -31.59
CA ASN F 163 24.50 34.66 -31.43
C ASN F 163 25.33 35.65 -30.61
N VAL F 164 26.04 35.13 -29.59
CA VAL F 164 26.75 36.02 -28.67
C VAL F 164 27.98 36.56 -29.39
N HIS F 165 28.64 35.70 -30.17
CA HIS F 165 29.86 36.06 -30.87
C HIS F 165 29.58 37.19 -31.86
N GLN F 166 28.46 37.10 -32.58
CA GLN F 166 28.07 38.14 -33.52
C GLN F 166 27.79 39.43 -32.75
N ALA F 167 27.12 39.30 -31.60
CA ALA F 167 26.76 40.48 -30.84
C ALA F 167 28.01 41.20 -30.39
N LEU F 168 29.04 40.41 -30.00
CA LEU F 168 30.29 40.92 -29.48
C LEU F 168 31.07 41.64 -30.59
N MET F 169 31.13 41.03 -31.77
CA MET F 169 31.77 41.66 -32.92
C MET F 169 31.14 43.03 -33.20
N GLU F 170 29.80 43.09 -33.14
CA GLU F 170 29.11 44.35 -33.31
C GLU F 170 29.56 45.37 -32.27
N LYS F 171 29.77 44.96 -31.01
CA LYS F 171 30.16 45.93 -29.98
C LYS F 171 31.56 46.50 -30.22
N LEU F 172 32.42 45.76 -30.92
CA LEU F 172 33.84 46.09 -30.95
C LEU F 172 34.23 46.72 -32.29
N LYS F 173 33.25 46.82 -33.20
CA LYS F 173 33.39 47.32 -34.56
C LYS F 173 34.69 48.13 -34.73
N MET G 1 -31.55 -10.29 -1.53
CA MET G 1 -31.91 -11.72 -1.34
C MET G 1 -32.58 -12.28 -2.60
N ALA G 2 -33.10 -11.40 -3.47
CA ALA G 2 -33.64 -11.80 -4.76
C ALA G 2 -32.65 -12.70 -5.51
N SER G 3 -31.37 -12.32 -5.50
CA SER G 3 -30.30 -13.07 -6.16
C SER G 3 -30.26 -14.53 -5.69
N MET G 4 -31.09 -14.84 -4.68
CA MET G 4 -31.18 -16.19 -4.15
C MET G 4 -32.63 -16.68 -4.14
N THR G 5 -33.61 -15.80 -3.91
CA THR G 5 -34.98 -16.31 -3.81
C THR G 5 -36.00 -15.30 -4.30
N GLY G 6 -37.19 -15.81 -4.66
CA GLY G 6 -38.32 -14.98 -5.05
C GLY G 6 -39.49 -15.16 -4.09
N GLY G 7 -39.32 -15.98 -3.05
CA GLY G 7 -40.35 -16.25 -2.06
C GLY G 7 -41.17 -17.48 -2.39
#